data_6HR1
#
_entry.id   6HR1
#
_cell.length_a   53.700
_cell.length_b   117.800
_cell.length_c   84.500
_cell.angle_alpha   90.000
_cell.angle_beta   99.900
_cell.angle_gamma   90.000
#
_symmetry.space_group_name_H-M   'P 1 21 1'
#
loop_
_entity.id
_entity.type
_entity.pdbx_description
1 polymer 'Myosin light chain kinase 2, skeletal/cardiac muscle,Unconventional myosin-X,Green fluorescent protein,Calmodulin-1'
2 non-polymer 'L(+)-TARTARIC ACID'
3 non-polymer 'CALCIUM ION'
4 non-polymer 1,2-ETHANEDIOL
5 non-polymer GLYCEROL
6 non-polymer 'SODIUM ION'
7 water water
#
_entity_poly.entity_id   1
_entity_poly.type   'polypeptide(L)'
_entity_poly.pdbx_seq_one_letter_code
;GPHMARWKKAFIAVSAANRFKKISSEEEKRKREEEEVSKGEELFTGVVPILVELDGDVNGHKFSVSGEGEGDATYGKLTL
KFICTTGKLPVPWPTLVTTF(CR2)LQCFARYPDHMKQHDFFKSAMPEGYVQERTIFFKDDGNYKTRAEVKFEGDTLVNR
IELKGIDFKEDGNILGHKLEYNYNSHNVYIMADKQKNGIKVNFKIRHNIEDGSVQLADHYQQNTPIGDGPVLLPDNHYLS
YQSALSKDPNEKRDHMVLLEFVTAAGITLGMDELYKGENLYFQSGGSAAAADQLTEEQIAEFKEAFSLFDKDGDGTITTK
ELGTVMRSLGQNPTEAELQDMINEVDADGNGTIDFPEFLTMMARKMKDTDSEEEIREAFRVFDKDGNGYISAAELRHVMT
NLGEKLTDEEVDEMIREADIDGDGQVNYEEFVQMMTAK
;
_entity_poly.pdbx_strand_id   A,B
#
loop_
_chem_comp.id
_chem_comp.type
_chem_comp.name
_chem_comp.formula
CA non-polymer 'CALCIUM ION' 'Ca 2'
EDO non-polymer 1,2-ETHANEDIOL 'C2 H6 O2'
GOL non-polymer GLYCEROL 'C3 H8 O3'
NA non-polymer 'SODIUM ION' 'Na 1'
TLA non-polymer 'L(+)-TARTARIC ACID' 'C4 H6 O6'
#
# COMPACT_ATOMS: atom_id res chain seq x y z
N GLY A 1 -59.46 -39.87 -21.05
CA GLY A 1 -58.88 -40.83 -21.97
C GLY A 1 -57.97 -40.19 -23.01
N PRO A 2 -58.37 -40.29 -24.28
CA PRO A 2 -57.66 -39.57 -25.35
C PRO A 2 -57.98 -38.08 -25.41
N HIS A 3 -58.73 -37.57 -24.43
CA HIS A 3 -59.34 -36.26 -24.53
C HIS A 3 -58.42 -35.13 -24.03
N MET A 4 -57.65 -35.39 -22.98
CA MET A 4 -56.70 -34.37 -22.56
C MET A 4 -55.57 -34.23 -23.58
N ALA A 5 -55.25 -35.28 -24.33
CA ALA A 5 -54.30 -35.14 -25.42
C ALA A 5 -54.82 -34.13 -26.46
N ARG A 6 -56.12 -34.17 -26.74
CA ARG A 6 -56.71 -33.22 -27.69
C ARG A 6 -56.76 -31.79 -27.14
N TRP A 7 -57.07 -31.63 -25.85
CA TRP A 7 -57.01 -30.29 -25.24
C TRP A 7 -55.58 -29.78 -25.24
N LYS A 8 -54.63 -30.63 -24.88
CA LYS A 8 -53.25 -30.19 -24.72
C LYS A 8 -52.66 -29.73 -26.04
N LYS A 9 -52.97 -30.45 -27.13
CA LYS A 9 -52.43 -30.06 -28.42
C LYS A 9 -52.90 -28.67 -28.80
N ALA A 10 -54.18 -28.41 -28.61
CA ALA A 10 -54.74 -27.11 -28.92
C ALA A 10 -54.14 -26.04 -28.02
N PHE A 11 -54.01 -26.35 -26.73
CA PHE A 11 -53.49 -25.38 -25.76
C PHE A 11 -52.07 -24.99 -26.13
N ILE A 12 -51.24 -25.96 -26.51
CA ILE A 12 -49.87 -25.65 -26.87
C ILE A 12 -49.82 -24.82 -28.14
N ALA A 13 -50.62 -25.15 -29.14
CA ALA A 13 -50.60 -24.34 -30.35
C ALA A 13 -50.96 -22.88 -30.04
N VAL A 14 -52.03 -22.67 -29.26
CA VAL A 14 -52.47 -21.32 -28.92
C VAL A 14 -51.40 -20.60 -28.12
N SER A 15 -50.77 -21.31 -27.18
CA SER A 15 -49.68 -20.77 -26.38
C SER A 15 -48.51 -20.35 -27.26
N ALA A 16 -48.15 -21.20 -28.22
CA ALA A 16 -47.11 -20.85 -29.17
C ALA A 16 -47.48 -19.62 -29.99
N ALA A 17 -48.75 -19.52 -30.43
CA ALA A 17 -49.20 -18.31 -31.12
C ALA A 17 -49.07 -17.08 -30.21
N ASN A 18 -49.48 -17.21 -28.95
CA ASN A 18 -49.33 -16.10 -27.99
C ASN A 18 -47.85 -15.77 -27.76
N ARG A 19 -46.95 -16.77 -27.78
CA ARG A 19 -45.53 -16.45 -27.65
C ARG A 19 -44.96 -15.76 -28.89
N PHE A 20 -45.44 -16.13 -30.07
CA PHE A 20 -45.07 -15.40 -31.28
C PHE A 20 -45.48 -13.93 -31.17
N LYS A 21 -46.71 -13.69 -30.72
CA LYS A 21 -47.20 -12.32 -30.54
C LYS A 21 -46.36 -11.54 -29.54
N LYS A 22 -45.77 -12.21 -28.56
CA LYS A 22 -45.08 -11.50 -27.47
C LYS A 22 -43.56 -11.47 -27.63
N ILE A 23 -43.01 -12.18 -28.62
CA ILE A 23 -41.58 -12.46 -28.55
C ILE A 23 -40.74 -11.21 -28.84
N SER A 24 -41.20 -10.32 -29.72
CA SER A 24 -40.43 -9.12 -30.02
C SER A 24 -40.26 -8.23 -28.79
N SER A 25 -41.34 -8.06 -28.01
CA SER A 25 -41.24 -7.22 -26.82
C SER A 25 -40.33 -7.85 -25.77
N GLU A 26 -40.38 -9.18 -25.59
CA GLU A 26 -39.47 -9.84 -24.66
C GLU A 26 -38.01 -9.59 -25.04
N GLU A 27 -37.71 -9.74 -26.33
CA GLU A 27 -36.35 -9.56 -26.82
C GLU A 27 -35.92 -8.10 -26.71
N GLU A 28 -36.83 -7.16 -26.91
CA GLU A 28 -36.50 -5.75 -26.69
C GLU A 28 -36.13 -5.52 -25.23
N LYS A 29 -36.94 -6.04 -24.32
CA LYS A 29 -36.68 -5.84 -22.89
C LYS A 29 -35.33 -6.41 -22.50
N ARG A 30 -35.00 -7.60 -23.00
CA ARG A 30 -33.72 -8.21 -22.64
C ARG A 30 -32.54 -7.40 -23.17
N LYS A 31 -32.61 -6.97 -24.42
CA LYS A 31 -31.52 -6.17 -24.98
C LYS A 31 -31.43 -4.82 -24.28
N ARG A 32 -32.57 -4.25 -23.91
CA ARG A 32 -32.55 -2.96 -23.25
C ARG A 32 -31.85 -3.07 -21.88
N GLU A 33 -32.09 -4.17 -21.16
CA GLU A 33 -31.42 -4.38 -19.88
C GLU A 33 -29.92 -4.52 -20.06
N GLU A 34 -29.48 -5.34 -21.03
CA GLU A 34 -28.05 -5.47 -21.30
C GLU A 34 -27.44 -4.13 -21.65
N GLU A 35 -28.13 -3.33 -22.46
CA GLU A 35 -27.61 -2.00 -22.79
C GLU A 35 -27.53 -1.12 -21.54
N GLU A 36 -28.53 -1.20 -20.67
CA GLU A 36 -28.57 -0.30 -19.53
C GLU A 36 -27.56 -0.69 -18.45
N VAL A 37 -27.37 -1.98 -18.18
CA VAL A 37 -26.35 -2.35 -17.20
C VAL A 37 -24.93 -2.07 -17.68
N SER A 38 -24.76 -1.76 -18.97
CA SER A 38 -23.45 -1.56 -19.57
C SER A 38 -23.05 -0.10 -19.70
N LYS A 39 -23.99 0.82 -19.48
CA LYS A 39 -23.70 2.22 -19.72
C LYS A 39 -22.85 2.83 -18.62
N GLY A 40 -23.06 2.38 -17.38
CA GLY A 40 -22.35 3.00 -16.26
C GLY A 40 -20.84 2.87 -16.38
N GLU A 41 -20.35 1.72 -16.87
CA GLU A 41 -18.89 1.54 -16.96
C GLU A 41 -18.26 2.52 -17.94
N GLU A 42 -19.00 2.96 -18.95
CA GLU A 42 -18.48 3.96 -19.88
C GLU A 42 -18.16 5.29 -19.20
N LEU A 43 -18.76 5.59 -18.05
CA LEU A 43 -18.43 6.81 -17.34
C LEU A 43 -17.05 6.76 -16.72
N PHE A 44 -16.36 5.61 -16.75
CA PHE A 44 -15.12 5.44 -15.99
C PHE A 44 -13.92 5.17 -16.88
N THR A 45 -14.03 5.46 -18.19
CA THR A 45 -12.95 5.14 -19.10
C THR A 45 -11.79 6.13 -19.01
N GLY A 46 -11.98 7.30 -18.41
CA GLY A 46 -10.86 8.18 -18.14
C GLY A 46 -10.71 8.56 -16.67
N VAL A 47 -10.13 9.74 -16.40
CA VAL A 47 -9.89 10.21 -15.03
C VAL A 47 -11.14 10.97 -14.56
N VAL A 48 -11.61 10.64 -13.37
CA VAL A 48 -12.89 11.14 -12.86
C VAL A 48 -12.60 11.93 -11.59
N PRO A 49 -13.01 13.20 -11.49
CA PRO A 49 -12.80 13.95 -10.25
C PRO A 49 -13.73 13.47 -9.14
N ILE A 50 -13.25 13.56 -7.91
CA ILE A 50 -13.92 12.96 -6.76
C ILE A 50 -14.05 14.02 -5.68
N LEU A 51 -15.22 14.08 -5.05
CA LEU A 51 -15.40 14.80 -3.79
C LEU A 51 -15.89 13.85 -2.70
N VAL A 52 -15.40 14.03 -1.48
CA VAL A 52 -15.84 13.25 -0.32
C VAL A 52 -16.21 14.20 0.80
N GLU A 53 -17.35 13.92 1.46
CA GLU A 53 -17.78 14.64 2.65
C GLU A 53 -18.21 13.65 3.71
N LEU A 54 -17.69 13.80 4.93
CA LEU A 54 -18.03 12.91 6.04
C LEU A 54 -18.43 13.74 7.23
N ASP A 55 -19.53 13.38 7.89
CA ASP A 55 -19.83 13.84 9.24
C ASP A 55 -19.78 12.64 10.19
N GLY A 56 -19.01 12.77 11.26
CA GLY A 56 -18.78 11.67 12.15
C GLY A 56 -19.02 12.05 13.60
N ASP A 57 -19.33 11.03 14.40
CA ASP A 57 -19.53 11.15 15.85
C ASP A 57 -19.06 9.84 16.46
N VAL A 58 -17.92 9.88 17.15
CA VAL A 58 -17.34 8.72 17.80
C VAL A 58 -17.31 8.95 19.31
N ASN A 59 -18.13 8.19 20.05
CA ASN A 59 -18.19 8.27 21.53
C ASN A 59 -18.55 9.67 21.99
N GLY A 60 -19.28 10.41 21.16
CA GLY A 60 -19.63 11.78 21.44
C GLY A 60 -18.65 12.82 20.92
N HIS A 61 -17.54 12.40 20.33
CA HIS A 61 -16.63 13.34 19.66
C HIS A 61 -17.14 13.55 18.24
N LYS A 62 -17.66 14.75 17.95
CA LYS A 62 -18.20 15.07 16.64
C LYS A 62 -17.14 15.72 15.76
N PHE A 63 -17.14 15.37 14.47
CA PHE A 63 -16.12 15.90 13.57
C PHE A 63 -16.60 15.81 12.14
N SER A 64 -15.88 16.50 11.24
CA SER A 64 -16.21 16.53 9.82
C SER A 64 -14.93 16.47 9.00
N VAL A 65 -15.01 15.84 7.83
CA VAL A 65 -13.86 15.70 6.96
C VAL A 65 -14.29 16.03 5.54
N SER A 66 -13.41 16.68 4.79
CA SER A 66 -13.63 16.96 3.38
C SER A 66 -12.49 16.37 2.57
N GLY A 67 -12.83 15.74 1.46
CA GLY A 67 -11.83 15.11 0.61
C GLY A 67 -12.03 15.48 -0.84
N GLU A 68 -10.93 15.45 -1.59
CA GLU A 68 -10.99 15.64 -3.03
C GLU A 68 -9.85 14.87 -3.67
N GLY A 69 -10.04 14.54 -4.94
CA GLY A 69 -8.99 13.90 -5.69
C GLY A 69 -9.54 13.33 -6.97
N GLU A 70 -9.03 12.18 -7.42
CA GLU A 70 -9.50 11.65 -8.67
C GLU A 70 -9.28 10.15 -8.72
N GLY A 71 -10.04 9.50 -9.58
CA GLY A 71 -9.96 8.06 -9.73
C GLY A 71 -9.82 7.71 -11.19
N ASP A 72 -9.13 6.60 -11.44
CA ASP A 72 -8.79 6.12 -12.77
C ASP A 72 -9.00 4.60 -12.75
N ALA A 73 -10.19 4.17 -13.14
CA ALA A 73 -10.53 2.75 -13.03
C ALA A 73 -9.76 1.91 -14.03
N THR A 74 -9.25 2.53 -15.10
CA THR A 74 -8.43 1.80 -16.05
C THR A 74 -7.19 1.24 -15.38
N TYR A 75 -6.63 1.97 -14.42
CA TYR A 75 -5.49 1.54 -13.61
C TYR A 75 -5.89 1.05 -12.23
N GLY A 76 -7.17 1.13 -11.88
CA GLY A 76 -7.60 0.74 -10.55
C GLY A 76 -6.95 1.63 -9.50
N LYS A 77 -6.84 2.93 -9.78
CA LYS A 77 -6.08 3.85 -8.95
C LYS A 77 -6.98 4.95 -8.38
N LEU A 78 -6.83 5.25 -7.09
CA LEU A 78 -7.48 6.37 -6.42
C LEU A 78 -6.41 7.22 -5.76
N THR A 79 -6.52 8.55 -5.94
N THR A 79 -6.47 8.55 -5.96
CA THR A 79 -5.65 9.52 -5.29
CA THR A 79 -5.61 9.46 -5.22
C THR A 79 -6.53 10.55 -4.59
C THR A 79 -6.47 10.53 -4.58
N LEU A 80 -6.38 10.67 -3.26
CA LEU A 80 -7.28 11.50 -2.48
C LEU A 80 -6.53 12.26 -1.39
N LYS A 81 -6.98 13.46 -1.07
CA LYS A 81 -6.50 14.20 0.09
C LYS A 81 -7.69 14.57 0.98
N PHE A 82 -7.58 14.31 2.27
CA PHE A 82 -8.68 14.57 3.19
C PHE A 82 -8.21 15.57 4.23
N ILE A 83 -9.07 16.48 4.60
CA ILE A 83 -8.77 17.46 5.64
C ILE A 83 -9.85 17.40 6.72
N CYS A 84 -9.46 17.36 7.97
CA CYS A 84 -10.44 17.53 9.05
C CYS A 84 -10.76 19.02 9.17
N THR A 85 -12.00 19.39 8.94
CA THR A 85 -12.42 20.77 8.95
C THR A 85 -12.92 21.24 10.33
N THR A 86 -12.85 20.41 11.35
CA THR A 86 -13.26 20.81 12.69
C THR A 86 -12.09 20.81 13.66
N GLY A 87 -10.87 20.85 13.17
CA GLY A 87 -9.75 20.74 14.07
C GLY A 87 -8.98 19.45 13.85
N LYS A 88 -8.74 18.71 14.92
CA LYS A 88 -8.03 17.45 14.87
C LYS A 88 -9.01 16.29 14.94
N LEU A 89 -8.67 15.24 14.23
CA LEU A 89 -9.49 14.04 14.25
C LEU A 89 -9.49 13.43 15.64
N PRO A 90 -10.64 12.98 16.14
CA PRO A 90 -10.66 12.28 17.44
C PRO A 90 -10.31 10.80 17.38
N VAL A 91 -10.09 10.27 16.19
CA VAL A 91 -9.71 8.86 15.97
C VAL A 91 -8.56 8.86 14.99
N PRO A 92 -7.78 7.79 14.93
CA PRO A 92 -6.65 7.77 13.99
C PRO A 92 -7.15 7.76 12.54
N TRP A 93 -6.46 8.52 11.70
CA TRP A 93 -6.75 8.50 10.27
C TRP A 93 -6.86 7.10 9.68
N PRO A 94 -6.00 6.13 10.01
CA PRO A 94 -6.13 4.81 9.39
C PRO A 94 -7.46 4.10 9.67
N THR A 95 -8.14 4.40 10.78
CA THR A 95 -9.43 3.75 11.01
C THR A 95 -10.52 4.23 10.06
N LEU A 96 -10.30 5.33 9.32
CA LEU A 96 -11.28 5.87 8.39
C LEU A 96 -10.97 5.55 6.93
N VAL A 97 -9.84 4.88 6.65
CA VAL A 97 -9.45 4.62 5.27
C VAL A 97 -10.55 3.87 4.50
N THR A 98 -11.07 2.79 5.09
CA THR A 98 -12.10 2.02 4.36
C THR A 98 -13.35 2.84 4.12
N THR A 99 -13.68 3.74 5.04
CA THR A 99 -14.87 4.57 4.88
C THR A 99 -14.65 5.60 3.78
N PHE A 100 -13.46 6.16 3.69
CA PHE A 100 -13.17 7.17 2.69
C PHE A 100 -13.04 6.57 1.29
N1 CR2 A 101 -12.18 5.53 1.00
CA1 CR2 A 101 -11.81 4.83 -0.20
C1 CR2 A 101 -12.35 3.42 0.05
N2 CR2 A 101 -11.58 2.30 0.45
N3 CR2 A 101 -13.77 3.13 0.01
C2 CR2 A 101 -13.89 1.73 0.39
O2 CR2 A 101 -14.90 1.09 0.49
CA2 CR2 A 101 -12.49 1.22 0.65
CA3 CR2 A 101 -14.88 4.06 -0.27
C3 CR2 A 101 -15.57 4.06 -1.63
O3 CR2 A 101 -16.79 4.51 -1.62
CB2 CR2 A 101 -12.29 -0.03 1.04
CG2 CR2 A 101 -10.95 -0.67 1.46
CD1 CR2 A 101 -9.78 0.09 1.59
CD2 CR2 A 101 -10.96 -2.05 1.64
CE1 CR2 A 101 -8.60 -0.58 1.92
CE2 CR2 A 101 -9.79 -2.70 2.02
CZ CR2 A 101 -8.62 -1.95 2.14
OH CR2 A 101 -7.42 -2.63 2.45
N LEU A 102 -14.59 4.00 -2.42
CA LEU A 102 -15.12 4.42 -3.74
C LEU A 102 -14.89 3.28 -4.70
N GLN A 103 -15.61 2.17 -4.46
CA GLN A 103 -15.24 0.91 -5.06
C GLN A 103 -15.58 0.85 -6.54
N CYS A 104 -16.34 1.82 -7.05
CA CYS A 104 -16.52 1.97 -8.50
C CYS A 104 -15.21 2.25 -9.26
N PHE A 105 -14.08 2.49 -8.58
CA PHE A 105 -12.82 2.72 -9.30
C PHE A 105 -11.94 1.48 -9.38
N ALA A 106 -12.43 0.33 -8.92
CA ALA A 106 -11.69 -0.91 -9.08
C ALA A 106 -11.43 -1.20 -10.56
N ARG A 107 -10.25 -1.72 -10.86
CA ARG A 107 -10.01 -2.27 -12.20
C ARG A 107 -10.62 -3.66 -12.29
N TYR A 108 -11.70 -3.80 -13.09
CA TYR A 108 -12.23 -5.11 -13.39
C TYR A 108 -11.62 -5.57 -14.71
N PRO A 109 -10.91 -6.70 -14.74
CA PRO A 109 -10.39 -7.22 -16.02
C PRO A 109 -11.53 -7.56 -16.97
N ASP A 110 -11.19 -7.63 -18.26
CA ASP A 110 -12.21 -7.77 -19.30
C ASP A 110 -13.17 -8.93 -19.03
N HIS A 111 -12.62 -10.10 -18.71
CA HIS A 111 -13.47 -11.26 -18.52
C HIS A 111 -14.26 -11.23 -17.23
N MET A 112 -14.11 -10.18 -16.43
CA MET A 112 -14.89 -10.03 -15.22
C MET A 112 -15.85 -8.85 -15.28
N LYS A 113 -15.91 -8.12 -16.40
CA LYS A 113 -16.64 -6.86 -16.41
C LYS A 113 -18.14 -7.05 -16.17
N GLN A 114 -18.66 -8.24 -16.42
CA GLN A 114 -20.06 -8.49 -16.09
C GLN A 114 -20.29 -8.64 -14.57
N HIS A 115 -19.27 -8.56 -13.73
CA HIS A 115 -19.44 -8.70 -12.29
C HIS A 115 -19.23 -7.40 -11.54
N ASP A 116 -19.18 -6.26 -12.25
CA ASP A 116 -18.88 -4.96 -11.65
C ASP A 116 -20.19 -4.25 -11.31
N PHE A 117 -20.75 -4.60 -10.14
CA PHE A 117 -21.97 -3.93 -9.67
C PHE A 117 -21.78 -2.41 -9.57
N PHE A 118 -20.64 -1.97 -9.01
CA PHE A 118 -20.50 -0.57 -8.64
C PHE A 118 -20.66 0.36 -9.83
N LYS A 119 -19.95 0.08 -10.93
CA LYS A 119 -20.08 0.96 -12.09
C LYS A 119 -21.45 0.83 -12.73
N SER A 120 -22.05 -0.36 -12.68
CA SER A 120 -23.35 -0.56 -13.31
C SER A 120 -24.43 0.26 -12.64
N ALA A 121 -24.25 0.64 -11.36
CA ALA A 121 -25.22 1.47 -10.65
C ALA A 121 -25.13 2.96 -11.01
N MET A 122 -24.11 3.36 -11.76
CA MET A 122 -23.89 4.78 -12.04
C MET A 122 -24.64 5.19 -13.31
N PRO A 123 -25.00 6.47 -13.45
CA PRO A 123 -24.69 7.58 -12.55
C PRO A 123 -25.61 7.76 -11.35
N GLU A 124 -26.77 7.11 -11.29
CA GLU A 124 -27.65 7.34 -10.14
C GLU A 124 -26.98 6.95 -8.82
N GLY A 125 -26.10 5.95 -8.84
CA GLY A 125 -25.26 5.64 -7.69
C GLY A 125 -25.80 4.53 -6.82
N TYR A 126 -25.18 4.39 -5.64
CA TYR A 126 -25.57 3.36 -4.69
C TYR A 126 -25.39 3.87 -3.26
N VAL A 127 -26.10 3.23 -2.35
CA VAL A 127 -25.88 3.43 -0.93
C VAL A 127 -24.94 2.33 -0.45
N GLN A 128 -23.92 2.71 0.30
CA GLN A 128 -23.00 1.77 0.93
C GLN A 128 -23.17 1.87 2.44
N GLU A 129 -23.53 0.77 3.08
CA GLU A 129 -23.70 0.73 4.54
C GLU A 129 -22.73 -0.27 5.12
N ARG A 130 -22.09 0.08 6.23
CA ARG A 130 -21.16 -0.81 6.91
C ARG A 130 -21.39 -0.80 8.42
N THR A 131 -21.06 -1.94 9.05
CA THR A 131 -20.67 -1.95 10.46
C THR A 131 -19.25 -2.47 10.54
N ILE A 132 -18.41 -1.78 11.29
CA ILE A 132 -17.01 -2.11 11.43
C ILE A 132 -16.79 -2.40 12.90
N PHE A 133 -16.45 -3.64 13.23
CA PHE A 133 -16.27 -4.06 14.61
C PHE A 133 -14.79 -4.09 14.91
N PHE A 134 -14.34 -3.19 15.78
CA PHE A 134 -12.94 -3.23 16.22
C PHE A 134 -12.79 -4.22 17.36
N LYS A 135 -11.97 -5.25 17.16
CA LYS A 135 -11.90 -6.36 18.12
C LYS A 135 -11.49 -5.85 19.51
N ASP A 136 -12.25 -6.27 20.53
CA ASP A 136 -12.03 -5.85 21.92
C ASP A 136 -12.25 -4.36 22.11
N ASP A 137 -13.00 -3.74 21.21
CA ASP A 137 -13.18 -2.29 21.26
C ASP A 137 -14.54 -1.97 20.65
N GLY A 138 -14.72 -0.71 20.25
CA GLY A 138 -15.99 -0.22 19.77
C GLY A 138 -16.25 -0.56 18.31
N ASN A 139 -17.32 0.04 17.76
CA ASN A 139 -17.69 -0.22 16.36
C ASN A 139 -18.09 1.09 15.70
N TYR A 140 -17.82 1.19 14.38
CA TYR A 140 -18.37 2.23 13.53
C TYR A 140 -19.57 1.70 12.77
N LYS A 141 -20.57 2.55 12.57
CA LYS A 141 -21.64 2.28 11.62
C LYS A 141 -21.66 3.44 10.65
N THR A 142 -21.66 3.14 9.37
CA THR A 142 -21.56 4.19 8.36
C THR A 142 -22.66 4.00 7.33
N ARG A 143 -23.07 5.12 6.73
N ARG A 143 -23.09 5.11 6.77
CA ARG A 143 -24.00 5.12 5.62
CA ARG A 143 -23.98 5.10 5.62
C ARG A 143 -23.50 6.12 4.60
C ARG A 143 -23.44 6.10 4.61
N ALA A 144 -23.28 5.68 3.35
CA ALA A 144 -22.70 6.53 2.34
C ALA A 144 -23.54 6.47 1.07
N GLU A 145 -23.71 7.62 0.43
CA GLU A 145 -24.30 7.68 -0.91
C GLU A 145 -23.20 8.05 -1.89
N VAL A 146 -23.00 7.22 -2.89
CA VAL A 146 -21.96 7.42 -3.90
C VAL A 146 -22.68 7.64 -5.21
N LYS A 147 -22.47 8.79 -5.84
CA LYS A 147 -23.17 9.09 -7.07
C LYS A 147 -22.45 10.20 -7.82
N PHE A 148 -22.79 10.34 -9.10
CA PHE A 148 -22.32 11.45 -9.90
C PHE A 148 -23.18 12.66 -9.61
N GLU A 149 -22.53 13.79 -9.32
CA GLU A 149 -23.13 15.13 -9.33
C GLU A 149 -22.39 15.90 -10.42
N GLY A 150 -23.03 16.03 -11.57
CA GLY A 150 -22.32 16.56 -12.72
C GLY A 150 -21.30 15.54 -13.20
N ASP A 151 -20.09 16.02 -13.47
CA ASP A 151 -18.99 15.15 -13.87
C ASP A 151 -18.16 14.64 -12.70
N THR A 152 -18.57 14.95 -11.47
CA THR A 152 -17.80 14.63 -10.28
C THR A 152 -18.46 13.46 -9.58
N LEU A 153 -17.66 12.47 -9.22
CA LEU A 153 -18.18 11.38 -8.41
C LEU A 153 -18.10 11.82 -6.94
N VAL A 154 -19.25 11.81 -6.24
CA VAL A 154 -19.33 12.35 -4.89
C VAL A 154 -19.69 11.23 -3.91
N ASN A 155 -18.97 11.17 -2.78
CA ASN A 155 -19.19 10.19 -1.71
C ASN A 155 -19.54 10.97 -0.43
N ARG A 156 -20.83 10.97 -0.05
CA ARG A 156 -21.32 11.65 1.15
C ARG A 156 -21.63 10.64 2.24
N ILE A 157 -21.01 10.80 3.40
CA ILE A 157 -20.91 9.75 4.42
C ILE A 157 -21.35 10.29 5.77
N GLU A 158 -22.15 9.51 6.49
CA GLU A 158 -22.40 9.69 7.92
C GLU A 158 -21.80 8.51 8.67
N LEU A 159 -21.09 8.81 9.77
CA LEU A 159 -20.44 7.78 10.59
C LEU A 159 -20.81 7.95 12.05
N LYS A 160 -21.16 6.84 12.71
CA LYS A 160 -21.48 6.84 14.14
C LYS A 160 -20.63 5.76 14.80
N GLY A 161 -19.83 6.15 15.78
CA GLY A 161 -19.00 5.22 16.51
C GLY A 161 -19.43 5.17 17.97
N ILE A 162 -19.49 3.96 18.54
CA ILE A 162 -19.93 3.80 19.93
C ILE A 162 -19.09 2.72 20.59
N ASP A 163 -19.06 2.77 21.94
CA ASP A 163 -18.48 1.73 22.77
C ASP A 163 -16.96 1.66 22.68
N PHE A 164 -16.29 2.73 22.31
CA PHE A 164 -14.84 2.68 22.29
C PHE A 164 -14.27 2.88 23.69
N LYS A 165 -13.15 2.21 23.94
CA LYS A 165 -12.47 2.31 25.22
C LYS A 165 -11.58 3.55 25.26
N GLU A 166 -11.61 4.27 26.38
CA GLU A 166 -10.88 5.54 26.45
C GLU A 166 -9.39 5.34 26.22
N ASP A 167 -8.86 4.19 26.65
CA ASP A 167 -7.45 3.88 26.54
C ASP A 167 -7.17 2.75 25.56
N GLY A 168 -8.12 2.43 24.69
CA GLY A 168 -7.89 1.43 23.68
C GLY A 168 -7.08 2.00 22.54
N ASN A 169 -6.88 1.15 21.51
CA ASN A 169 -6.04 1.53 20.38
C ASN A 169 -6.60 2.69 19.58
N ILE A 170 -7.91 2.90 19.58
CA ILE A 170 -8.48 3.91 18.70
C ILE A 170 -8.51 5.27 19.41
N LEU A 171 -9.20 5.35 20.53
CA LEU A 171 -9.22 6.62 21.25
C LEU A 171 -7.89 6.92 21.94
N GLY A 172 -7.05 5.91 22.16
CA GLY A 172 -5.72 6.19 22.64
C GLY A 172 -4.69 6.46 21.55
N HIS A 173 -5.09 6.47 20.28
CA HIS A 173 -4.23 6.79 19.12
C HIS A 173 -2.92 6.00 19.15
N LYS A 174 -3.06 4.69 19.19
CA LYS A 174 -1.94 3.77 19.20
C LYS A 174 -1.67 3.12 17.83
N LEU A 175 -2.42 3.48 16.80
CA LEU A 175 -2.20 2.93 15.47
C LEU A 175 -1.08 3.67 14.75
N GLU A 176 -0.23 2.90 14.06
CA GLU A 176 0.78 3.43 13.15
C GLU A 176 0.11 4.11 11.95
N TYR A 177 0.75 5.15 11.40
CA TYR A 177 0.19 5.84 10.23
C TYR A 177 0.65 5.09 8.97
N ASN A 178 -0.01 3.96 8.73
CA ASN A 178 0.28 3.14 7.55
C ASN A 178 -0.89 2.19 7.31
N TYR A 179 -0.74 1.31 6.30
CA TYR A 179 -1.85 0.44 5.91
C TYR A 179 -1.29 -0.81 5.25
N ASN A 180 -2.04 -1.90 5.37
CA ASN A 180 -1.64 -3.19 4.82
C ASN A 180 -2.58 -3.55 3.67
N SER A 181 -2.27 -4.65 2.98
N SER A 181 -2.24 -4.63 2.96
CA SER A 181 -3.05 -5.10 1.82
CA SER A 181 -3.07 -5.10 1.85
C SER A 181 -4.08 -6.16 2.23
C SER A 181 -4.15 -6.05 2.36
N HIS A 182 -5.30 -6.03 1.68
CA HIS A 182 -6.44 -6.84 2.09
C HIS A 182 -7.27 -7.24 0.87
N ASN A 183 -7.99 -8.35 1.03
CA ASN A 183 -8.94 -8.84 0.03
C ASN A 183 -10.35 -8.53 0.51
N VAL A 184 -11.18 -8.02 -0.39
CA VAL A 184 -12.53 -7.56 -0.08
C VAL A 184 -13.48 -8.50 -0.83
N TYR A 185 -14.27 -9.31 -0.08
CA TYR A 185 -15.03 -10.43 -0.66
C TYR A 185 -16.44 -9.96 -0.99
N ILE A 186 -16.90 -10.22 -2.21
CA ILE A 186 -18.16 -9.65 -2.68
C ILE A 186 -19.08 -10.80 -3.12
N MET A 187 -20.36 -10.73 -2.72
CA MET A 187 -21.35 -11.65 -3.26
CA MET A 187 -21.35 -11.65 -3.27
C MET A 187 -22.64 -10.89 -3.55
N ALA A 188 -23.44 -11.44 -4.48
CA ALA A 188 -24.72 -10.82 -4.84
C ALA A 188 -25.72 -10.94 -3.70
N ASP A 189 -26.56 -9.92 -3.56
CA ASP A 189 -27.71 -9.90 -2.66
C ASP A 189 -28.92 -9.72 -3.58
N LYS A 190 -29.48 -10.82 -4.10
CA LYS A 190 -30.53 -10.70 -5.10
C LYS A 190 -31.78 -10.06 -4.52
N GLN A 191 -32.10 -10.36 -3.26
CA GLN A 191 -33.29 -9.77 -2.64
C GLN A 191 -33.27 -8.25 -2.72
N LYS A 192 -32.13 -7.63 -2.46
CA LYS A 192 -32.05 -6.19 -2.40
C LYS A 192 -31.52 -5.57 -3.69
N ASN A 193 -31.41 -6.35 -4.76
CA ASN A 193 -30.82 -5.89 -6.01
C ASN A 193 -29.41 -5.33 -5.83
N GLY A 194 -28.63 -5.93 -4.94
CA GLY A 194 -27.34 -5.37 -4.59
C GLY A 194 -26.29 -6.40 -4.25
N ILE A 195 -25.33 -6.02 -3.39
CA ILE A 195 -24.25 -6.90 -2.99
C ILE A 195 -24.07 -6.87 -1.49
N LYS A 196 -23.44 -7.92 -0.98
CA LYS A 196 -23.01 -8.06 0.40
C LYS A 196 -21.51 -8.30 0.39
N VAL A 197 -20.80 -7.60 1.27
CA VAL A 197 -19.35 -7.52 1.19
C VAL A 197 -18.77 -7.74 2.58
N ASN A 198 -17.63 -8.43 2.68
CA ASN A 198 -17.07 -8.61 4.01
C ASN A 198 -15.55 -8.72 3.89
N PHE A 199 -14.85 -8.23 4.91
CA PHE A 199 -13.40 -8.32 4.95
C PHE A 199 -12.91 -7.98 6.36
N LYS A 200 -11.65 -8.27 6.62
CA LYS A 200 -11.06 -8.00 7.93
C LYS A 200 -9.82 -7.15 7.70
N ILE A 201 -9.74 -6.01 8.35
CA ILE A 201 -8.60 -5.10 8.22
C ILE A 201 -7.67 -5.36 9.41
N ARG A 202 -6.36 -5.39 9.14
CA ARG A 202 -5.34 -5.52 10.18
C ARG A 202 -4.60 -4.18 10.32
N HIS A 203 -4.79 -3.48 11.43
CA HIS A 203 -4.13 -2.20 11.67
C HIS A 203 -2.89 -2.42 12.53
N ASN A 204 -1.72 -1.96 12.05
CA ASN A 204 -0.50 -2.10 12.86
C ASN A 204 -0.56 -1.17 14.07
N ILE A 205 -0.22 -1.71 15.22
CA ILE A 205 -0.19 -0.95 16.48
C ILE A 205 1.28 -0.66 16.80
N GLU A 206 1.52 0.49 17.45
CA GLU A 206 2.88 0.94 17.71
C GLU A 206 3.72 -0.08 18.49
N ASP A 207 3.11 -0.90 19.33
CA ASP A 207 3.88 -1.88 20.08
C ASP A 207 4.14 -3.17 19.28
N GLY A 208 3.81 -3.21 18.00
CA GLY A 208 4.01 -4.39 17.20
C GLY A 208 2.86 -5.36 17.17
N SER A 209 1.79 -5.08 17.90
CA SER A 209 0.63 -5.94 17.78
C SER A 209 -0.24 -5.45 16.61
N VAL A 210 -1.40 -6.08 16.45
CA VAL A 210 -2.33 -5.76 15.37
C VAL A 210 -3.72 -5.55 15.96
N GLN A 211 -4.40 -4.50 15.50
CA GLN A 211 -5.81 -4.29 15.81
C GLN A 211 -6.64 -4.75 14.61
N LEU A 212 -7.52 -5.73 14.83
CA LEU A 212 -8.41 -6.23 13.79
C LEU A 212 -9.68 -5.39 13.72
N ALA A 213 -10.19 -5.20 12.50
CA ALA A 213 -11.40 -4.43 12.27
C ALA A 213 -12.24 -5.25 11.30
N ASP A 214 -13.30 -5.87 11.80
CA ASP A 214 -14.14 -6.74 10.98
C ASP A 214 -15.15 -5.89 10.26
N HIS A 215 -15.19 -5.98 8.91
CA HIS A 215 -16.07 -5.14 8.12
C HIS A 215 -17.22 -5.97 7.55
N TYR A 216 -18.44 -5.49 7.73
CA TYR A 216 -19.63 -6.03 7.09
C TYR A 216 -20.30 -4.91 6.31
N GLN A 217 -20.72 -5.21 5.07
CA GLN A 217 -21.04 -4.15 4.13
C GLN A 217 -22.18 -4.57 3.22
N GLN A 218 -23.08 -3.65 2.92
CA GLN A 218 -24.16 -3.89 1.97
C GLN A 218 -24.26 -2.69 1.05
N ASN A 219 -24.40 -2.92 -0.25
CA ASN A 219 -24.59 -1.86 -1.22
C ASN A 219 -25.90 -2.12 -1.96
N THR A 220 -26.69 -1.06 -2.10
CA THR A 220 -27.97 -1.09 -2.78
C THR A 220 -28.07 0.07 -3.76
N PRO A 221 -28.55 -0.17 -4.98
CA PRO A 221 -28.61 0.91 -5.97
C PRO A 221 -29.57 2.00 -5.52
N ILE A 222 -29.26 3.23 -5.94
CA ILE A 222 -30.15 4.35 -5.62
C ILE A 222 -31.32 4.40 -6.58
N GLY A 223 -31.09 4.09 -7.86
CA GLY A 223 -32.12 4.18 -8.88
C GLY A 223 -32.87 2.87 -9.06
N ASP A 224 -33.83 2.91 -9.98
CA ASP A 224 -34.70 1.76 -10.23
C ASP A 224 -34.22 0.86 -11.36
N GLY A 225 -33.19 1.27 -12.09
CA GLY A 225 -32.75 0.51 -13.24
C GLY A 225 -32.12 -0.81 -12.88
N PRO A 226 -31.79 -1.61 -13.90
CA PRO A 226 -31.10 -2.88 -13.64
C PRO A 226 -29.64 -2.64 -13.29
N VAL A 227 -29.06 -3.63 -12.60
CA VAL A 227 -27.65 -3.58 -12.25
C VAL A 227 -27.03 -4.95 -12.49
N LEU A 228 -25.70 -4.99 -12.54
CA LEU A 228 -25.04 -6.28 -12.63
C LEU A 228 -24.98 -6.89 -11.24
N LEU A 229 -25.46 -8.13 -11.10
CA LEU A 229 -25.37 -8.87 -9.85
C LEU A 229 -24.27 -9.90 -9.99
N PRO A 230 -23.17 -9.78 -9.26
CA PRO A 230 -21.97 -10.56 -9.59
C PRO A 230 -22.01 -11.98 -9.05
N ASP A 231 -21.24 -12.85 -9.69
CA ASP A 231 -20.83 -14.07 -9.02
C ASP A 231 -19.81 -13.73 -7.92
N ASN A 232 -19.61 -14.67 -7.00
CA ASN A 232 -18.67 -14.45 -5.89
C ASN A 232 -17.30 -14.11 -6.45
N HIS A 233 -16.66 -13.09 -5.88
CA HIS A 233 -15.32 -12.69 -6.29
C HIS A 233 -14.74 -11.80 -5.19
N TYR A 234 -13.54 -11.29 -5.42
CA TYR A 234 -12.99 -10.37 -4.43
C TYR A 234 -12.26 -9.23 -5.13
N LEU A 235 -12.03 -8.16 -4.37
CA LEU A 235 -11.19 -7.05 -4.80
C LEU A 235 -9.89 -7.11 -4.03
N SER A 236 -8.77 -6.94 -4.72
CA SER A 236 -7.45 -6.85 -4.09
C SER A 236 -7.11 -5.38 -3.85
N TYR A 237 -6.97 -5.01 -2.58
CA TYR A 237 -6.73 -3.64 -2.16
C TYR A 237 -5.31 -3.47 -1.64
N GLN A 238 -4.69 -2.36 -2.03
CA GLN A 238 -3.45 -1.87 -1.43
C GLN A 238 -3.60 -0.38 -1.24
N SER A 239 -3.00 0.13 -0.15
CA SER A 239 -3.23 1.51 0.26
C SER A 239 -1.93 2.04 0.83
N ALA A 240 -1.65 3.31 0.58
CA ALA A 240 -0.48 3.98 1.15
C ALA A 240 -0.92 5.34 1.65
N LEU A 241 -0.51 5.68 2.88
CA LEU A 241 -0.90 6.91 3.53
C LEU A 241 0.31 7.83 3.61
N SER A 242 0.11 9.11 3.35
CA SER A 242 1.22 10.05 3.44
C SER A 242 0.68 11.40 3.90
N LYS A 243 1.56 12.38 3.93
CA LYS A 243 1.25 13.72 4.38
C LYS A 243 1.68 14.71 3.30
N ASP A 244 0.94 15.81 3.21
CA ASP A 244 1.31 16.91 2.33
C ASP A 244 2.17 17.87 3.15
N PRO A 245 3.47 18.00 2.86
CA PRO A 245 4.34 18.81 3.74
C PRO A 245 3.99 20.28 3.78
N ASN A 246 3.21 20.77 2.81
CA ASN A 246 2.75 22.15 2.81
C ASN A 246 1.45 22.35 3.56
N GLU A 247 0.93 21.32 4.21
CA GLU A 247 -0.42 21.37 4.75
C GLU A 247 -0.36 21.46 6.28
N LYS A 248 -1.00 22.48 6.82
CA LYS A 248 -0.98 22.70 8.26
C LYS A 248 -2.12 21.99 8.98
N ARG A 249 -3.28 21.93 8.34
CA ARG A 249 -4.45 21.30 8.95
C ARG A 249 -4.27 19.77 9.08
N ASP A 250 -5.07 19.19 9.96
CA ASP A 250 -5.03 17.74 10.17
C ASP A 250 -5.56 17.08 8.91
N HIS A 251 -4.79 16.15 8.35
CA HIS A 251 -5.13 15.71 7.00
C HIS A 251 -4.54 14.34 6.71
N MET A 252 -4.99 13.74 5.60
CA MET A 252 -4.37 12.50 5.15
C MET A 252 -4.35 12.50 3.64
N VAL A 253 -3.23 12.06 3.07
CA VAL A 253 -3.14 11.76 1.63
C VAL A 253 -3.24 10.25 1.49
N LEU A 254 -4.13 9.78 0.60
CA LEU A 254 -4.42 8.37 0.43
C LEU A 254 -4.21 7.99 -1.02
N LEU A 255 -3.40 6.96 -1.25
CA LEU A 255 -3.32 6.30 -2.55
C LEU A 255 -3.86 4.88 -2.37
N GLU A 256 -4.76 4.47 -3.25
CA GLU A 256 -5.26 3.10 -3.27
C GLU A 256 -5.13 2.54 -4.67
N PHE A 257 -4.80 1.25 -4.73
CA PHE A 257 -4.79 0.46 -5.95
C PHE A 257 -5.72 -0.71 -5.74
N VAL A 258 -6.64 -0.95 -6.68
CA VAL A 258 -7.73 -1.90 -6.45
C VAL A 258 -7.97 -2.65 -7.76
N THR A 259 -7.86 -3.98 -7.72
CA THR A 259 -8.12 -4.83 -8.89
C THR A 259 -9.01 -6.01 -8.50
N ALA A 260 -10.02 -6.30 -9.34
CA ALA A 260 -10.90 -7.42 -9.07
C ALA A 260 -10.24 -8.71 -9.53
N ALA A 261 -10.57 -9.81 -8.85
CA ALA A 261 -10.05 -11.12 -9.20
C ALA A 261 -11.02 -12.17 -8.69
N GLY A 262 -10.68 -13.44 -8.91
CA GLY A 262 -11.33 -14.54 -8.26
C GLY A 262 -12.43 -15.22 -9.05
N ILE A 263 -12.58 -14.88 -10.32
CA ILE A 263 -13.45 -15.62 -11.25
C ILE A 263 -12.63 -16.06 -12.46
N LEU A 290 -35.30 -31.67 -23.14
CA LEU A 290 -35.97 -32.18 -21.94
C LEU A 290 -36.81 -33.41 -22.29
N THR A 291 -38.01 -33.50 -21.71
CA THR A 291 -38.85 -34.68 -21.81
C THR A 291 -39.03 -35.13 -23.25
N GLU A 292 -38.89 -36.45 -23.48
CA GLU A 292 -39.06 -36.98 -24.83
C GLU A 292 -40.50 -36.85 -25.30
N GLU A 293 -41.46 -37.01 -24.38
CA GLU A 293 -42.86 -36.87 -24.78
C GLU A 293 -43.21 -35.40 -25.00
N GLN A 294 -42.69 -34.51 -24.17
CA GLN A 294 -42.84 -33.08 -24.40
C GLN A 294 -42.47 -32.71 -25.83
N ILE A 295 -41.44 -33.37 -26.38
CA ILE A 295 -41.03 -33.12 -27.75
C ILE A 295 -42.12 -33.53 -28.72
N ALA A 296 -42.75 -34.69 -28.49
CA ALA A 296 -43.83 -35.14 -29.35
C ALA A 296 -45.05 -34.24 -29.21
N GLU A 297 -45.34 -33.79 -27.99
CA GLU A 297 -46.45 -32.86 -27.78
C GLU A 297 -46.20 -31.58 -28.56
N PHE A 298 -45.01 -31.01 -28.42
CA PHE A 298 -44.64 -29.83 -29.18
C PHE A 298 -44.74 -30.08 -30.68
N LYS A 299 -44.36 -31.27 -31.12
CA LYS A 299 -44.42 -31.54 -32.56
C LYS A 299 -45.87 -31.58 -33.04
N GLU A 300 -46.78 -32.07 -32.19
CA GLU A 300 -48.19 -32.01 -32.55
C GLU A 300 -48.64 -30.57 -32.75
N ALA A 301 -48.22 -29.67 -31.85
CA ALA A 301 -48.59 -28.28 -32.02
C ALA A 301 -47.92 -27.68 -33.26
N PHE A 302 -46.65 -28.03 -33.49
CA PHE A 302 -45.92 -27.50 -34.66
C PHE A 302 -46.65 -27.82 -35.96
N SER A 303 -47.22 -29.03 -36.08
CA SER A 303 -47.89 -29.39 -37.32
C SER A 303 -49.10 -28.52 -37.61
N LEU A 304 -49.73 -27.94 -36.57
CA LEU A 304 -50.85 -27.03 -36.84
C LEU A 304 -50.38 -25.75 -37.50
N PHE A 305 -49.12 -25.35 -37.27
CA PHE A 305 -48.57 -24.19 -37.97
C PHE A 305 -48.08 -24.57 -39.37
N ASP A 306 -47.28 -25.63 -39.44
CA ASP A 306 -46.74 -26.15 -40.71
C ASP A 306 -47.87 -26.84 -41.47
N LYS A 307 -48.72 -26.03 -42.13
CA LYS A 307 -49.92 -26.55 -42.78
C LYS A 307 -49.59 -27.55 -43.89
N ASP A 308 -48.48 -27.34 -44.61
CA ASP A 308 -48.15 -28.21 -45.74
C ASP A 308 -47.17 -29.31 -45.36
N GLY A 309 -46.90 -29.46 -44.07
CA GLY A 309 -46.08 -30.56 -43.58
C GLY A 309 -44.65 -30.59 -44.07
N ASP A 310 -44.16 -29.50 -44.66
CA ASP A 310 -42.78 -29.46 -45.14
C ASP A 310 -41.76 -29.21 -44.03
N GLY A 311 -42.19 -29.15 -42.76
CA GLY A 311 -41.27 -29.02 -41.67
C GLY A 311 -40.85 -27.60 -41.36
N THR A 312 -41.28 -26.61 -42.14
CA THR A 312 -40.99 -25.20 -41.86
C THR A 312 -42.27 -24.39 -41.84
N ILE A 313 -42.31 -23.41 -40.94
CA ILE A 313 -43.40 -22.43 -40.84
C ILE A 313 -42.97 -21.18 -41.59
N THR A 314 -43.74 -20.80 -42.62
CA THR A 314 -43.52 -19.55 -43.34
C THR A 314 -44.35 -18.43 -42.72
N THR A 315 -44.09 -17.19 -43.16
CA THR A 315 -44.90 -16.06 -42.71
C THR A 315 -46.35 -16.25 -43.13
N LYS A 316 -46.58 -16.83 -44.31
CA LYS A 316 -47.96 -17.05 -44.73
C LYS A 316 -48.66 -18.05 -43.82
N GLU A 317 -47.98 -19.13 -43.43
CA GLU A 317 -48.58 -20.11 -42.52
C GLU A 317 -48.82 -19.48 -41.15
N LEU A 318 -47.83 -18.75 -40.64
CA LEU A 318 -48.00 -18.08 -39.36
C LEU A 318 -49.18 -17.09 -39.43
N GLY A 319 -49.30 -16.34 -40.53
CA GLY A 319 -50.43 -15.44 -40.68
C GLY A 319 -51.76 -16.17 -40.67
N THR A 320 -51.81 -17.34 -41.32
CA THR A 320 -53.03 -18.13 -41.28
C THR A 320 -53.39 -18.51 -39.86
N VAL A 321 -52.40 -18.95 -39.07
CA VAL A 321 -52.69 -19.32 -37.68
C VAL A 321 -53.16 -18.10 -36.89
N MET A 322 -52.47 -16.98 -37.05
CA MET A 322 -52.81 -15.80 -36.25
C MET A 322 -54.24 -15.35 -36.53
N ARG A 323 -54.63 -15.32 -37.80
CA ARG A 323 -55.98 -14.91 -38.18
C ARG A 323 -57.01 -15.92 -37.73
N SER A 324 -56.67 -17.20 -37.78
CA SER A 324 -57.60 -18.22 -37.31
C SER A 324 -57.86 -18.08 -35.83
N LEU A 325 -56.98 -17.36 -35.11
CA LEU A 325 -57.13 -17.09 -33.69
C LEU A 325 -57.56 -15.65 -33.37
N GLY A 326 -58.09 -14.92 -34.34
CA GLY A 326 -58.65 -13.61 -34.05
C GLY A 326 -57.67 -12.45 -34.05
N GLN A 327 -56.46 -12.64 -34.55
CA GLN A 327 -55.54 -11.55 -34.79
C GLN A 327 -55.48 -11.32 -36.30
N ASN A 328 -54.87 -10.22 -36.74
CA ASN A 328 -54.74 -9.94 -38.17
C ASN A 328 -53.47 -9.15 -38.42
N PRO A 329 -52.30 -9.76 -38.28
CA PRO A 329 -51.04 -9.01 -38.37
C PRO A 329 -50.66 -8.70 -39.82
N THR A 330 -50.06 -7.52 -40.00
CA THR A 330 -49.54 -7.14 -41.31
C THR A 330 -48.41 -8.06 -41.72
N GLU A 331 -48.01 -7.94 -42.97
CA GLU A 331 -46.86 -8.72 -43.42
C GLU A 331 -45.59 -8.34 -42.65
N ALA A 332 -45.45 -7.07 -42.27
CA ALA A 332 -44.23 -6.67 -41.56
C ALA A 332 -44.22 -7.15 -40.13
N GLU A 333 -45.39 -7.16 -39.48
CA GLU A 333 -45.49 -7.72 -38.14
C GLU A 333 -45.15 -9.21 -38.16
N LEU A 334 -45.63 -9.93 -39.17
CA LEU A 334 -45.31 -11.35 -39.29
C LEU A 334 -43.82 -11.55 -39.48
N GLN A 335 -43.21 -10.70 -40.30
CA GLN A 335 -41.77 -10.78 -40.52
C GLN A 335 -41.02 -10.51 -39.23
N ASP A 336 -41.44 -9.47 -38.48
CA ASP A 336 -40.83 -9.19 -37.18
C ASP A 336 -40.92 -10.41 -36.26
N MET A 337 -42.05 -11.11 -36.31
CA MET A 337 -42.21 -12.31 -35.48
C MET A 337 -41.26 -13.40 -35.91
N ILE A 338 -41.21 -13.67 -37.21
CA ILE A 338 -40.32 -14.73 -37.70
C ILE A 338 -38.85 -14.35 -37.44
N ASN A 339 -38.51 -13.06 -37.54
CA ASN A 339 -37.13 -12.64 -37.37
C ASN A 339 -36.59 -12.95 -35.98
N GLU A 340 -37.44 -12.85 -34.95
CA GLU A 340 -36.97 -13.12 -33.59
C GLU A 340 -36.72 -14.61 -33.37
N VAL A 341 -37.52 -15.48 -33.99
CA VAL A 341 -37.41 -16.90 -33.75
C VAL A 341 -36.52 -17.60 -34.77
N ASP A 342 -36.29 -16.98 -35.93
CA ASP A 342 -35.51 -17.61 -37.02
C ASP A 342 -34.03 -17.55 -36.67
N ALA A 343 -33.63 -18.45 -35.77
CA ALA A 343 -32.28 -18.40 -35.19
C ALA A 343 -31.20 -18.58 -36.24
N ASP A 344 -31.45 -19.36 -37.30
CA ASP A 344 -30.45 -19.62 -38.32
C ASP A 344 -30.57 -18.70 -39.53
N GLY A 345 -31.69 -17.99 -39.67
CA GLY A 345 -31.80 -16.92 -40.64
C GLY A 345 -32.30 -17.30 -42.01
N ASN A 346 -32.78 -18.51 -42.22
CA ASN A 346 -33.25 -18.88 -43.55
C ASN A 346 -34.64 -18.33 -43.88
N GLY A 347 -35.24 -17.52 -43.00
CA GLY A 347 -36.50 -16.86 -43.29
C GLY A 347 -37.75 -17.64 -42.94
N THR A 348 -37.63 -18.91 -42.52
CA THR A 348 -38.74 -19.69 -42.04
C THR A 348 -38.37 -20.28 -40.68
N ILE A 349 -39.35 -20.89 -40.03
CA ILE A 349 -39.18 -21.45 -38.70
C ILE A 349 -39.32 -22.97 -38.79
N ASP A 350 -38.31 -23.68 -38.30
CA ASP A 350 -38.32 -25.13 -38.26
C ASP A 350 -38.58 -25.58 -36.82
N PHE A 351 -38.66 -26.89 -36.62
CA PHE A 351 -39.04 -27.38 -35.29
C PHE A 351 -38.02 -27.06 -34.20
N PRO A 352 -36.70 -27.20 -34.41
CA PRO A 352 -35.77 -26.77 -33.34
C PRO A 352 -35.96 -25.32 -32.93
N GLU A 353 -36.11 -24.41 -33.90
CA GLU A 353 -36.38 -23.01 -33.60
C GLU A 353 -37.71 -22.86 -32.88
N PHE A 354 -38.73 -23.61 -33.32
CA PHE A 354 -40.01 -23.64 -32.60
C PHE A 354 -39.82 -24.17 -31.19
N LEU A 355 -39.07 -25.27 -31.06
CA LEU A 355 -38.76 -25.83 -29.75
C LEU A 355 -38.13 -24.79 -28.83
N THR A 356 -37.15 -24.03 -29.35
CA THR A 356 -36.45 -23.03 -28.54
C THR A 356 -37.43 -22.01 -27.99
N MET A 357 -38.27 -21.45 -28.87
CA MET A 357 -39.23 -20.44 -28.45
C MET A 357 -40.09 -20.94 -27.30
N MET A 358 -40.48 -22.21 -27.36
CA MET A 358 -41.36 -22.73 -26.32
C MET A 358 -40.60 -23.03 -25.04
N ALA A 359 -39.31 -23.36 -25.14
CA ALA A 359 -38.46 -23.55 -23.96
C ALA A 359 -38.11 -22.24 -23.27
N ARG A 360 -38.19 -21.12 -23.99
CA ARG A 360 -37.85 -19.82 -23.42
C ARG A 360 -38.67 -19.53 -22.17
N LYS A 361 -38.01 -19.16 -21.09
CA LYS A 361 -38.69 -18.72 -19.87
C LYS A 361 -38.94 -17.22 -19.98
N MET A 362 -40.22 -16.83 -19.85
CA MET A 362 -40.62 -15.45 -20.11
C MET A 362 -40.64 -14.63 -18.82
N LYS A 363 -40.36 -13.33 -18.96
CA LYS A 363 -40.41 -12.40 -17.84
C LYS A 363 -41.76 -11.71 -17.73
N ASP A 364 -42.81 -12.28 -18.34
CA ASP A 364 -44.17 -11.76 -18.22
C ASP A 364 -45.17 -12.89 -18.05
N THR A 365 -44.76 -13.98 -17.40
CA THR A 365 -45.65 -15.11 -17.16
C THR A 365 -45.41 -15.68 -15.77
N ASP A 366 -46.49 -16.09 -15.13
CA ASP A 366 -46.47 -17.13 -14.12
C ASP A 366 -47.00 -18.39 -14.81
N SER A 367 -47.23 -19.45 -14.04
CA SER A 367 -47.97 -20.58 -14.58
C SER A 367 -49.31 -20.09 -15.13
N GLU A 368 -49.98 -19.20 -14.40
CA GLU A 368 -51.36 -18.86 -14.68
C GLU A 368 -51.51 -18.09 -16.00
N GLU A 369 -50.64 -17.11 -16.25
CA GLU A 369 -50.93 -16.17 -17.32
C GLU A 369 -50.94 -16.84 -18.69
N GLU A 370 -50.07 -17.83 -18.91
CA GLU A 370 -50.16 -18.60 -20.15
C GLU A 370 -51.50 -19.32 -20.25
N ILE A 371 -51.97 -19.89 -19.14
CA ILE A 371 -53.25 -20.59 -19.16
C ILE A 371 -54.40 -19.61 -19.39
N ARG A 372 -54.35 -18.44 -18.73
CA ARG A 372 -55.43 -17.46 -18.88
C ARG A 372 -55.49 -16.89 -20.29
N GLU A 373 -54.34 -16.61 -20.89
CA GLU A 373 -54.33 -16.13 -22.27
C GLU A 373 -54.90 -17.17 -23.21
N ALA A 374 -54.57 -18.45 -23.01
CA ALA A 374 -55.12 -19.48 -23.89
C ALA A 374 -56.64 -19.61 -23.72
N PHE A 375 -57.12 -19.58 -22.48
CA PHE A 375 -58.56 -19.67 -22.26
C PHE A 375 -59.30 -18.58 -23.01
N ARG A 376 -58.74 -17.36 -23.06
CA ARG A 376 -59.42 -16.28 -23.75
C ARG A 376 -59.53 -16.51 -25.24
N VAL A 377 -58.59 -17.23 -25.84
CA VAL A 377 -58.73 -17.59 -27.26
C VAL A 377 -59.89 -18.56 -27.46
N PHE A 378 -59.97 -19.62 -26.64
CA PHE A 378 -61.08 -20.57 -26.79
C PHE A 378 -62.44 -19.92 -26.56
N ASP A 379 -62.53 -19.02 -25.58
CA ASP A 379 -63.80 -18.39 -25.22
C ASP A 379 -64.06 -17.22 -26.18
N LYS A 380 -64.44 -17.59 -27.40
CA LYS A 380 -64.56 -16.64 -28.50
C LYS A 380 -65.23 -15.31 -28.13
N ASP A 381 -66.41 -15.36 -27.50
CA ASP A 381 -67.11 -14.14 -27.08
C ASP A 381 -66.66 -13.60 -25.72
N GLY A 382 -65.71 -14.25 -25.05
CA GLY A 382 -65.19 -13.72 -23.78
C GLY A 382 -66.19 -13.65 -22.65
N ASN A 383 -67.23 -14.47 -22.68
CA ASN A 383 -68.24 -14.45 -21.61
C ASN A 383 -67.87 -15.33 -20.42
N GLY A 384 -66.68 -15.94 -20.41
CA GLY A 384 -66.21 -16.75 -19.30
C GLY A 384 -66.47 -18.24 -19.42
N TYR A 385 -67.10 -18.70 -20.52
CA TYR A 385 -67.48 -20.10 -20.69
C TYR A 385 -67.13 -20.52 -22.11
N ILE A 386 -66.39 -21.62 -22.27
CA ILE A 386 -66.18 -22.22 -23.57
C ILE A 386 -67.35 -23.15 -23.86
N SER A 387 -68.14 -22.81 -24.86
CA SER A 387 -69.22 -23.67 -25.31
C SER A 387 -68.70 -24.72 -26.30
N ALA A 388 -69.49 -25.78 -26.48
CA ALA A 388 -69.16 -26.77 -27.51
C ALA A 388 -69.05 -26.11 -28.88
N ALA A 389 -69.98 -25.19 -29.21
CA ALA A 389 -69.90 -24.49 -30.48
C ALA A 389 -68.60 -23.72 -30.61
N GLU A 390 -68.16 -23.05 -29.55
CA GLU A 390 -66.90 -22.32 -29.63
C GLU A 390 -65.71 -23.26 -29.77
N LEU A 391 -65.72 -24.37 -29.04
CA LEU A 391 -64.58 -25.27 -29.11
C LEU A 391 -64.49 -25.88 -30.51
N ARG A 392 -65.64 -26.33 -31.02
CA ARG A 392 -65.72 -26.83 -32.39
C ARG A 392 -65.14 -25.82 -33.38
N HIS A 393 -65.50 -24.54 -33.22
CA HIS A 393 -65.10 -23.50 -34.17
C HIS A 393 -63.58 -23.28 -34.15
N VAL A 394 -62.99 -23.17 -32.96
CA VAL A 394 -61.55 -22.92 -32.87
C VAL A 394 -60.75 -24.14 -33.30
N MET A 395 -61.21 -25.34 -32.92
CA MET A 395 -60.56 -26.56 -33.41
C MET A 395 -60.57 -26.60 -34.94
N THR A 396 -61.73 -26.38 -35.55
CA THR A 396 -61.82 -26.30 -37.00
C THR A 396 -60.88 -25.25 -37.55
N ASN A 397 -60.87 -24.03 -36.97
CA ASN A 397 -59.99 -22.99 -37.50
C ASN A 397 -58.52 -23.38 -37.40
N LEU A 398 -58.14 -24.02 -36.29
CA LEU A 398 -56.75 -24.45 -36.16
C LEU A 398 -56.40 -25.64 -37.06
N GLY A 399 -57.40 -26.38 -37.50
CA GLY A 399 -57.10 -27.60 -38.24
C GLY A 399 -56.78 -28.79 -37.37
N GLU A 400 -57.18 -28.79 -36.09
CA GLU A 400 -57.07 -29.97 -35.24
C GLU A 400 -58.29 -30.85 -35.53
N LYS A 401 -58.06 -31.98 -36.22
CA LYS A 401 -59.14 -32.67 -36.93
C LYS A 401 -59.95 -33.48 -35.93
N LEU A 402 -61.17 -33.04 -35.66
CA LEU A 402 -61.99 -33.67 -34.61
C LEU A 402 -63.44 -33.68 -35.07
N THR A 403 -64.16 -34.76 -34.73
CA THR A 403 -65.57 -34.77 -35.09
C THR A 403 -66.39 -33.99 -34.08
N ASP A 404 -67.65 -33.72 -34.43
CA ASP A 404 -68.57 -33.09 -33.48
C ASP A 404 -68.68 -33.89 -32.18
N GLU A 405 -68.84 -35.21 -32.29
CA GLU A 405 -68.92 -36.01 -31.08
C GLU A 405 -67.63 -35.94 -30.26
N GLU A 406 -66.48 -35.88 -30.91
CA GLU A 406 -65.25 -35.75 -30.14
C GLU A 406 -65.17 -34.40 -29.45
N VAL A 407 -65.69 -33.34 -30.07
CA VAL A 407 -65.69 -32.05 -29.37
C VAL A 407 -66.62 -32.12 -28.16
N ASP A 408 -67.81 -32.70 -28.33
CA ASP A 408 -68.74 -32.84 -27.22
C ASP A 408 -68.11 -33.62 -26.07
N GLU A 409 -67.32 -34.66 -26.39
CA GLU A 409 -66.62 -35.42 -25.36
C GLU A 409 -65.61 -34.57 -24.61
N MET A 410 -64.86 -33.73 -25.33
CA MET A 410 -63.91 -32.88 -24.64
C MET A 410 -64.64 -31.95 -23.66
N ILE A 411 -65.79 -31.41 -24.05
CA ILE A 411 -66.55 -30.55 -23.16
C ILE A 411 -67.05 -31.35 -21.95
N ARG A 412 -67.77 -32.43 -22.21
CA ARG A 412 -68.34 -33.23 -21.13
C ARG A 412 -67.29 -33.69 -20.13
N GLU A 413 -66.07 -33.93 -20.60
CA GLU A 413 -65.01 -34.36 -19.70
C GLU A 413 -64.51 -33.21 -18.82
N ALA A 414 -64.35 -32.01 -19.39
CA ALA A 414 -63.85 -30.90 -18.58
C ALA A 414 -64.95 -30.29 -17.72
N ASP A 415 -66.20 -30.53 -18.06
CA ASP A 415 -67.33 -29.87 -17.42
C ASP A 415 -67.64 -30.56 -16.10
N ILE A 416 -67.45 -29.87 -14.98
CA ILE A 416 -67.72 -30.46 -13.68
C ILE A 416 -69.07 -30.00 -13.13
N ASP A 417 -69.42 -28.74 -13.31
CA ASP A 417 -70.67 -28.26 -12.74
C ASP A 417 -71.88 -28.57 -13.64
N GLY A 418 -71.67 -29.17 -14.80
CA GLY A 418 -72.79 -29.71 -15.57
C GLY A 418 -73.57 -28.70 -16.38
N ASP A 419 -73.05 -27.50 -16.58
CA ASP A 419 -73.77 -26.56 -17.41
C ASP A 419 -73.52 -26.78 -18.90
N GLY A 420 -72.69 -27.75 -19.25
CA GLY A 420 -72.40 -28.06 -20.62
C GLY A 420 -71.38 -27.16 -21.27
N GLN A 421 -70.73 -26.29 -20.49
CA GLN A 421 -69.68 -25.39 -20.97
C GLN A 421 -68.50 -25.50 -20.03
N VAL A 422 -67.36 -24.93 -20.41
CA VAL A 422 -66.11 -25.04 -19.64
C VAL A 422 -65.76 -23.66 -19.11
N ASN A 423 -65.88 -23.45 -17.79
CA ASN A 423 -65.47 -22.14 -17.29
C ASN A 423 -63.97 -22.14 -17.06
N TYR A 424 -63.46 -21.00 -16.59
CA TYR A 424 -62.02 -20.85 -16.41
C TYR A 424 -61.47 -21.86 -15.39
N GLU A 425 -62.14 -21.99 -14.24
CA GLU A 425 -61.67 -22.91 -13.20
C GLU A 425 -61.66 -24.36 -13.70
N GLU A 426 -62.69 -24.76 -14.47
CA GLU A 426 -62.70 -26.09 -15.07
C GLU A 426 -61.55 -26.26 -16.05
N PHE A 427 -61.28 -25.21 -16.84
CA PHE A 427 -60.17 -25.24 -17.78
C PHE A 427 -58.82 -25.35 -17.05
N VAL A 428 -58.63 -24.56 -15.99
CA VAL A 428 -57.40 -24.64 -15.19
C VAL A 428 -57.19 -26.05 -14.65
N GLN A 429 -58.25 -26.68 -14.14
CA GLN A 429 -58.11 -28.02 -13.57
C GLN A 429 -57.67 -29.00 -14.62
N MET A 430 -58.27 -28.91 -15.80
CA MET A 430 -57.95 -29.85 -16.85
C MET A 430 -56.52 -29.67 -17.36
N MET A 431 -56.06 -28.42 -17.46
CA MET A 431 -54.76 -28.18 -18.07
C MET A 431 -53.62 -28.52 -17.12
N THR A 432 -53.83 -28.38 -15.81
CA THR A 432 -52.84 -28.76 -14.82
C THR A 432 -53.04 -30.17 -14.29
N ALA A 433 -53.88 -30.97 -14.95
CA ALA A 433 -54.04 -32.37 -14.60
C ALA A 433 -52.98 -33.22 -15.30
N GLY B 1 55.84 11.82 46.81
CA GLY B 1 56.59 12.84 47.54
C GLY B 1 56.56 14.19 46.86
N PRO B 2 57.20 15.19 47.47
CA PRO B 2 57.17 16.54 46.88
C PRO B 2 57.83 16.61 45.52
N HIS B 3 58.96 15.92 45.32
CA HIS B 3 59.60 15.93 44.01
C HIS B 3 58.69 15.31 42.95
N MET B 4 58.11 14.15 43.24
CA MET B 4 57.15 13.53 42.34
C MET B 4 55.95 14.45 42.08
N ALA B 5 55.50 15.14 43.13
CA ALA B 5 54.37 16.06 42.95
C ALA B 5 54.74 17.23 42.02
N ARG B 6 56.00 17.69 42.08
CA ARG B 6 56.40 18.75 41.15
C ARG B 6 56.47 18.25 39.72
N TRP B 7 57.00 17.04 39.50
CA TRP B 7 56.97 16.48 38.15
C TRP B 7 55.54 16.42 37.62
N LYS B 8 54.63 15.87 38.42
CA LYS B 8 53.25 15.66 37.95
C LYS B 8 52.59 17.00 37.62
N LYS B 9 52.74 17.98 38.50
CA LYS B 9 52.16 19.30 38.29
C LYS B 9 52.65 19.91 36.98
N ALA B 10 53.96 19.83 36.71
CA ALA B 10 54.49 20.36 35.46
C ALA B 10 54.00 19.53 34.27
N PHE B 11 53.87 18.22 34.45
CA PHE B 11 53.32 17.38 33.38
C PHE B 11 51.88 17.78 33.05
N ILE B 12 51.06 18.00 34.07
CA ILE B 12 49.66 18.35 33.82
C ILE B 12 49.55 19.70 33.12
N ALA B 13 50.33 20.69 33.57
CA ALA B 13 50.31 22.01 32.93
C ALA B 13 50.76 21.93 31.48
N VAL B 14 51.86 21.22 31.22
CA VAL B 14 52.35 21.08 29.86
C VAL B 14 51.32 20.38 28.99
N SER B 15 50.74 19.29 29.51
CA SER B 15 49.67 18.58 28.79
C SER B 15 48.53 19.52 28.42
N ALA B 16 48.07 20.31 29.39
CA ALA B 16 46.98 21.24 29.14
C ALA B 16 47.34 22.24 28.04
N ALA B 17 48.56 22.81 28.11
CA ALA B 17 49.02 23.66 27.02
C ALA B 17 48.99 22.90 25.69
N ASN B 18 49.32 21.61 25.71
CA ASN B 18 49.27 20.84 24.47
C ASN B 18 47.82 20.61 24.04
N ARG B 19 46.94 20.31 25.01
CA ARG B 19 45.54 20.05 24.67
C ARG B 19 44.86 21.29 24.10
N PHE B 20 45.00 22.44 24.77
CA PHE B 20 44.43 23.68 24.26
C PHE B 20 44.77 23.88 22.78
N LYS B 21 46.01 23.60 22.40
CA LYS B 21 46.41 23.74 21.00
C LYS B 21 45.80 22.64 20.13
N LYS B 22 45.48 21.48 20.71
CA LYS B 22 44.97 20.34 19.95
C LYS B 22 43.44 20.25 19.94
N ILE B 23 42.78 20.59 21.06
CA ILE B 23 41.32 20.73 21.01
C ILE B 23 40.92 21.74 19.95
N SER B 24 41.69 22.84 19.82
CA SER B 24 41.38 23.86 18.83
C SER B 24 41.57 23.36 17.42
N SER B 25 42.55 22.46 17.20
CA SER B 25 42.75 21.95 15.85
C SER B 25 41.67 20.94 15.47
N GLU B 26 41.24 20.11 16.42
CA GLU B 26 40.19 19.14 16.13
C GLU B 26 38.88 19.83 15.80
N GLU B 27 38.60 20.98 16.42
CA GLU B 27 37.37 21.70 16.12
C GLU B 27 37.39 22.27 14.70
N GLU B 28 38.54 22.77 14.24
CA GLU B 28 38.63 23.16 12.84
C GLU B 28 38.36 21.97 11.92
N LYS B 29 39.00 20.83 12.19
CA LYS B 29 38.73 19.63 11.40
C LYS B 29 37.26 19.27 11.41
N ARG B 30 36.60 19.44 12.57
CA ARG B 30 35.16 19.16 12.66
C ARG B 30 34.36 20.05 11.71
N LYS B 31 34.70 21.35 11.64
CA LYS B 31 33.97 22.26 10.77
C LYS B 31 34.13 21.90 9.29
N ARG B 32 35.31 21.40 8.90
CA ARG B 32 35.52 21.00 7.52
C ARG B 32 34.70 19.77 7.17
N GLU B 33 34.66 18.77 8.08
CA GLU B 33 33.92 17.54 7.85
C GLU B 33 32.41 17.79 7.84
N GLU B 34 31.91 18.60 8.78
CA GLU B 34 30.50 18.96 8.79
C GLU B 34 30.07 19.62 7.48
N GLU B 35 30.95 20.46 6.91
CA GLU B 35 30.68 21.01 5.58
C GLU B 35 30.59 19.90 4.54
N GLU B 36 31.49 18.93 4.59
CA GLU B 36 31.56 17.94 3.52
C GLU B 36 30.43 16.90 3.61
N VAL B 37 30.04 16.51 4.83
CA VAL B 37 28.97 15.53 4.95
C VAL B 37 27.62 16.10 4.58
N SER B 38 27.51 17.42 4.55
N SER B 38 27.49 17.42 4.55
CA SER B 38 26.23 18.08 4.30
CA SER B 38 26.20 18.04 4.30
C SER B 38 25.90 18.21 2.82
C SER B 38 25.94 18.32 2.82
N LYS B 39 26.85 17.96 1.92
CA LYS B 39 26.65 18.28 0.52
C LYS B 39 25.71 17.30 -0.16
N GLY B 40 25.80 16.01 0.20
CA GLY B 40 25.04 14.98 -0.50
C GLY B 40 23.55 15.25 -0.50
N GLU B 41 23.00 15.66 0.64
CA GLU B 41 21.56 15.87 0.73
C GLU B 41 21.06 16.99 -0.19
N GLU B 42 21.95 17.88 -0.64
CA GLU B 42 21.50 18.94 -1.54
C GLU B 42 21.17 18.40 -2.93
N LEU B 43 21.66 17.21 -3.26
CA LEU B 43 21.34 16.62 -4.56
C LEU B 43 19.91 16.10 -4.63
N PHE B 44 19.16 16.15 -3.52
CA PHE B 44 17.87 15.47 -3.41
C PHE B 44 16.74 16.45 -3.13
N THR B 45 16.96 17.74 -3.36
CA THR B 45 15.94 18.72 -3.02
C THR B 45 14.81 18.79 -4.05
N GLY B 46 15.00 18.19 -5.22
CA GLY B 46 13.90 18.07 -6.16
C GLY B 46 13.63 16.65 -6.61
N VAL B 47 12.98 16.47 -7.74
CA VAL B 47 12.72 15.14 -8.28
C VAL B 47 13.98 14.65 -8.99
N VAL B 48 14.37 13.41 -8.76
CA VAL B 48 15.61 12.85 -9.29
C VAL B 48 15.25 11.64 -10.15
N PRO B 49 15.66 11.58 -11.41
CA PRO B 49 15.33 10.39 -12.22
C PRO B 49 16.21 9.23 -11.80
N ILE B 50 15.69 8.02 -12.01
CA ILE B 50 16.31 6.81 -11.51
C ILE B 50 16.37 5.78 -12.63
N LEU B 51 17.50 5.05 -12.71
CA LEU B 51 17.59 3.85 -13.56
C LEU B 51 18.10 2.68 -12.72
N VAL B 52 17.54 1.49 -12.94
CA VAL B 52 17.90 0.30 -12.18
C VAL B 52 18.17 -0.85 -13.15
N GLU B 53 19.17 -1.67 -12.85
CA GLU B 53 19.23 -2.95 -13.52
C GLU B 53 19.71 -4.02 -12.55
N LEU B 54 19.18 -5.20 -12.75
CA LEU B 54 19.41 -6.34 -11.92
C LEU B 54 19.70 -7.54 -12.81
N ASP B 55 20.75 -8.27 -12.47
CA ASP B 55 21.01 -9.60 -13.01
C ASP B 55 20.82 -10.60 -11.89
N GLY B 56 19.95 -11.58 -12.11
CA GLY B 56 19.60 -12.52 -11.07
C GLY B 56 19.78 -13.95 -11.50
N ASP B 57 20.03 -14.80 -10.51
CA ASP B 57 20.12 -16.26 -10.69
C ASP B 57 19.52 -16.88 -9.43
N VAL B 58 18.36 -17.52 -9.55
CA VAL B 58 17.72 -18.20 -8.43
C VAL B 58 17.55 -19.69 -8.78
N ASN B 59 18.23 -20.57 -8.03
CA ASN B 59 18.19 -22.02 -8.30
C ASN B 59 18.52 -22.33 -9.75
N GLY B 60 19.39 -21.56 -10.37
CA GLY B 60 19.73 -21.75 -11.77
C GLY B 60 18.85 -21.05 -12.78
N HIS B 61 17.74 -20.42 -12.37
CA HIS B 61 16.93 -19.62 -13.28
C HIS B 61 17.57 -18.25 -13.43
N LYS B 62 18.14 -17.95 -14.60
CA LYS B 62 18.81 -16.68 -14.82
C LYS B 62 17.85 -15.66 -15.41
N PHE B 63 17.94 -14.42 -14.95
CA PHE B 63 17.00 -13.43 -15.45
C PHE B 63 17.60 -12.05 -15.32
N SER B 64 16.98 -11.10 -16.02
N SER B 64 16.96 -11.08 -15.98
CA SER B 64 17.40 -9.71 -15.96
CA SER B 64 17.43 -9.71 -15.94
C SER B 64 16.17 -8.83 -15.81
C SER B 64 16.23 -8.76 -15.93
N VAL B 65 16.34 -7.72 -15.12
CA VAL B 65 15.27 -6.74 -14.95
C VAL B 65 15.82 -5.34 -15.15
N SER B 66 15.02 -4.51 -15.80
CA SER B 66 15.34 -3.12 -16.06
C SER B 66 14.30 -2.26 -15.36
N GLY B 67 14.73 -1.21 -14.68
CA GLY B 67 13.83 -0.32 -13.98
C GLY B 67 14.09 1.14 -14.30
N GLU B 68 13.01 1.93 -14.31
CA GLU B 68 13.18 3.37 -14.36
C GLU B 68 12.07 4.06 -13.59
N GLY B 69 12.35 5.28 -13.16
CA GLY B 69 11.32 6.07 -12.54
C GLY B 69 11.89 7.33 -11.93
N GLU B 70 11.29 7.74 -10.82
CA GLU B 70 11.85 8.91 -10.16
C GLU B 70 11.64 8.84 -8.64
N GLY B 71 12.46 9.62 -7.96
CA GLY B 71 12.37 9.73 -6.51
C GLY B 71 12.31 11.18 -6.07
N ASP B 72 11.57 11.40 -4.99
CA ASP B 72 11.30 12.74 -4.45
C ASP B 72 11.45 12.65 -2.94
N ALA B 73 12.67 12.88 -2.47
CA ALA B 73 12.97 12.73 -1.04
C ALA B 73 12.22 13.73 -0.17
N THR B 74 11.88 14.92 -0.69
CA THR B 74 10.98 15.83 0.05
C THR B 74 9.68 15.15 0.46
N TYR B 75 9.11 14.32 -0.41
CA TYR B 75 7.90 13.58 -0.08
C TYR B 75 8.17 12.15 0.35
N GLY B 76 9.42 11.69 0.34
CA GLY B 76 9.72 10.32 0.72
C GLY B 76 9.11 9.36 -0.28
N LYS B 77 9.09 9.73 -1.55
CA LYS B 77 8.26 9.04 -2.53
C LYS B 77 9.13 8.46 -3.64
N LEU B 78 8.92 7.17 -3.97
CA LEU B 78 9.58 6.51 -5.08
C LEU B 78 8.49 6.07 -6.06
N THR B 79 8.70 6.30 -7.34
CA THR B 79 7.78 5.81 -8.36
C THR B 79 8.59 5.10 -9.44
N LEU B 80 8.34 3.81 -9.64
CA LEU B 80 9.23 3.00 -10.45
C LEU B 80 8.45 2.04 -11.32
N LYS B 81 9.02 1.69 -12.48
CA LYS B 81 8.46 0.60 -13.26
C LYS B 81 9.61 -0.32 -13.65
N PHE B 82 9.42 -1.64 -13.44
CA PHE B 82 10.45 -2.65 -13.67
C PHE B 82 9.93 -3.64 -14.71
N ILE B 83 10.81 -4.03 -15.63
N ILE B 83 10.78 -4.02 -15.66
CA ILE B 83 10.46 -4.94 -16.73
CA ILE B 83 10.37 -4.98 -16.69
C ILE B 83 11.45 -6.09 -16.72
C ILE B 83 11.41 -6.08 -16.74
N CYS B 84 10.94 -7.32 -16.79
CA CYS B 84 11.83 -8.46 -16.96
C CYS B 84 12.19 -8.50 -18.44
N THR B 85 13.47 -8.41 -18.76
CA THR B 85 13.88 -8.35 -20.14
C THR B 85 14.29 -9.70 -20.68
N THR B 86 14.13 -10.76 -19.88
CA THR B 86 14.47 -12.12 -20.29
C THR B 86 13.25 -13.03 -20.38
N GLY B 87 12.05 -12.46 -20.54
CA GLY B 87 10.87 -13.29 -20.57
C GLY B 87 10.07 -13.20 -19.30
N LYS B 88 9.63 -14.34 -18.77
CA LYS B 88 8.88 -14.34 -17.51
C LYS B 88 9.83 -14.36 -16.32
N LEU B 89 9.53 -13.53 -15.34
CA LEU B 89 10.33 -13.57 -14.10
C LEU B 89 10.13 -14.91 -13.41
N PRO B 90 11.20 -15.60 -13.02
CA PRO B 90 11.05 -16.94 -12.41
C PRO B 90 10.76 -16.94 -10.92
N VAL B 91 10.70 -15.77 -10.28
CA VAL B 91 10.28 -15.65 -8.89
C VAL B 91 9.15 -14.63 -8.83
N PRO B 92 8.37 -14.61 -7.74
CA PRO B 92 7.29 -13.60 -7.68
C PRO B 92 7.85 -12.19 -7.57
N TRP B 93 7.23 -11.26 -8.29
CA TRP B 93 7.64 -9.86 -8.20
C TRP B 93 7.73 -9.35 -6.76
N PRO B 94 6.81 -9.67 -5.86
CA PRO B 94 6.93 -9.13 -4.49
C PRO B 94 8.22 -9.54 -3.76
N THR B 95 8.79 -10.73 -4.04
CA THR B 95 10.06 -11.09 -3.40
C THR B 95 11.22 -10.18 -3.81
N LEU B 96 11.06 -9.34 -4.83
CA LEU B 96 12.14 -8.46 -5.26
C LEU B 96 11.91 -7.00 -4.89
N VAL B 97 10.78 -6.69 -4.26
CA VAL B 97 10.44 -5.32 -3.93
C VAL B 97 11.53 -4.67 -3.08
N THR B 98 12.00 -5.36 -2.04
CA THR B 98 13.03 -4.77 -1.17
C THR B 98 14.33 -4.59 -1.92
N THR B 99 14.61 -5.44 -2.91
CA THR B 99 15.85 -5.26 -3.64
C THR B 99 15.74 -4.06 -4.60
N PHE B 100 14.56 -3.85 -5.17
CA PHE B 100 14.33 -2.72 -6.07
C PHE B 100 14.08 -1.44 -5.29
N1 CR2 B 101 13.23 -1.20 -4.22
CA1 CR2 B 101 12.94 0.06 -3.60
C1 CR2 B 101 13.43 -0.33 -2.20
N2 CR2 B 101 12.61 -0.86 -1.18
N3 CR2 B 101 14.82 -0.38 -1.89
C2 CR2 B 101 14.93 -0.93 -0.56
O2 CR2 B 101 15.98 -1.07 0.08
CA2 CR2 B 101 13.52 -1.20 -0.12
CA3 CR2 B 101 15.96 0.07 -2.72
C3 CR2 B 101 16.00 1.60 -2.59
O3 CR2 B 101 14.91 2.24 -2.29
CB2 CR2 B 101 13.24 -1.70 1.06
CG2 CR2 B 101 11.84 -1.98 1.64
CD1 CR2 B 101 10.68 -1.96 0.85
CD2 CR2 B 101 11.81 -2.26 3.02
CE1 CR2 B 101 9.44 -2.22 1.47
CE2 CR2 B 101 10.58 -2.52 3.61
CZ CR2 B 101 9.42 -2.49 2.83
OH CR2 B 101 8.18 -2.73 3.47
N LEU B 102 17.02 2.09 -3.09
CA LEU B 102 17.09 3.54 -3.31
C LEU B 102 16.70 4.26 -2.01
N GLN B 103 17.29 3.83 -0.89
CA GLN B 103 16.92 4.35 0.43
C GLN B 103 17.42 5.78 0.64
N CYS B 104 18.20 6.31 -0.30
CA CYS B 104 18.54 7.73 -0.32
C CYS B 104 17.34 8.62 -0.60
N PHE B 105 16.17 8.06 -0.97
CA PHE B 105 14.97 8.88 -1.18
C PHE B 105 14.03 8.91 0.03
N ALA B 106 14.44 8.36 1.17
CA ALA B 106 13.65 8.49 2.39
C ALA B 106 13.51 9.96 2.78
N ARG B 107 12.33 10.30 3.32
CA ARG B 107 12.14 11.62 3.91
C ARG B 107 12.64 11.59 5.35
N TYR B 108 13.72 12.32 5.62
CA TYR B 108 14.19 12.50 7.00
C TYR B 108 13.63 13.81 7.54
N PRO B 109 12.85 13.78 8.63
CA PRO B 109 12.45 15.04 9.29
C PRO B 109 13.65 15.94 9.55
N ASP B 110 13.38 17.26 9.62
CA ASP B 110 14.43 18.24 9.88
C ASP B 110 15.26 17.88 11.11
N HIS B 111 14.61 17.46 12.19
CA HIS B 111 15.35 17.13 13.40
C HIS B 111 16.16 15.84 13.29
N MET B 112 16.06 15.10 12.18
CA MET B 112 16.80 13.86 12.03
C MET B 112 17.81 13.90 10.89
N LYS B 113 17.95 15.04 10.21
CA LYS B 113 18.76 15.07 9.00
C LYS B 113 20.24 14.73 9.26
N GLN B 114 20.73 14.86 10.49
CA GLN B 114 22.11 14.42 10.73
C GLN B 114 22.24 12.89 10.81
N HIS B 115 21.15 12.15 10.68
CA HIS B 115 21.22 10.68 10.71
C HIS B 115 21.01 10.04 9.34
N ASP B 116 20.98 10.83 8.26
CA ASP B 116 20.73 10.31 6.91
C ASP B 116 22.08 9.95 6.26
N PHE B 117 22.53 8.73 6.58
CA PHE B 117 23.75 8.21 5.96
C PHE B 117 23.66 8.18 4.45
N PHE B 118 22.50 7.77 3.91
CA PHE B 118 22.42 7.42 2.50
C PHE B 118 22.73 8.63 1.60
N LYS B 119 22.10 9.76 1.88
CA LYS B 119 22.32 10.94 1.04
C LYS B 119 23.73 11.47 1.24
N SER B 120 24.26 11.37 2.47
CA SER B 120 25.59 11.91 2.75
C SER B 120 26.66 11.19 1.96
N ALA B 121 26.42 9.94 1.53
CA ALA B 121 27.42 9.25 0.73
C ALA B 121 27.35 9.62 -0.75
N MET B 122 26.39 10.43 -1.15
CA MET B 122 26.25 10.83 -2.55
C MET B 122 27.13 12.05 -2.85
N PRO B 123 27.58 12.21 -4.11
CA PRO B 123 27.23 11.42 -5.31
C PRO B 123 28.03 10.15 -5.56
N GLU B 124 29.10 9.94 -4.79
CA GLU B 124 29.93 8.76 -5.06
C GLU B 124 29.18 7.47 -4.77
N GLY B 125 28.32 7.48 -3.76
CA GLY B 125 27.39 6.38 -3.56
C GLY B 125 27.85 5.39 -2.52
N TYR B 126 27.13 4.27 -2.47
CA TYR B 126 27.44 3.22 -1.51
C TYR B 126 27.18 1.86 -2.14
N VAL B 127 27.73 0.84 -1.51
CA VAL B 127 27.41 -0.53 -1.83
C VAL B 127 26.47 -1.06 -0.77
N GLN B 128 25.34 -1.62 -1.19
CA GLN B 128 24.40 -2.26 -0.29
C GLN B 128 24.47 -3.77 -0.50
N GLU B 129 24.68 -4.51 0.59
CA GLU B 129 24.72 -5.97 0.54
C GLU B 129 23.64 -6.52 1.46
N ARG B 130 22.94 -7.54 0.99
CA ARG B 130 21.89 -8.18 1.78
C ARG B 130 21.99 -9.69 1.72
N THR B 131 21.60 -10.33 2.82
CA THR B 131 21.13 -11.70 2.76
C THR B 131 19.68 -11.67 3.20
N ILE B 132 18.81 -12.33 2.43
CA ILE B 132 17.39 -12.39 2.71
C ILE B 132 17.03 -13.87 2.89
N PHE B 133 16.60 -14.23 4.09
CA PHE B 133 16.26 -15.62 4.43
C PHE B 133 14.75 -15.79 4.35
N PHE B 134 14.29 -16.56 3.37
CA PHE B 134 12.87 -16.91 3.33
C PHE B 134 12.65 -18.07 4.29
N LYS B 135 11.83 -17.85 5.32
CA LYS B 135 11.58 -18.86 6.34
C LYS B 135 11.09 -20.18 5.73
N ASP B 136 11.71 -21.28 6.16
CA ASP B 136 11.42 -22.63 5.63
C ASP B 136 11.67 -22.73 4.13
N ASP B 137 12.54 -21.89 3.60
CA ASP B 137 12.77 -21.90 2.16
C ASP B 137 14.18 -21.40 1.91
N GLY B 138 14.44 -20.91 0.69
CA GLY B 138 15.77 -20.51 0.30
C GLY B 138 16.17 -19.11 0.73
N ASN B 139 17.30 -18.65 0.19
CA ASN B 139 17.76 -17.30 0.53
C ASN B 139 18.24 -16.59 -0.73
N TYR B 140 18.09 -15.26 -0.73
CA TYR B 140 18.75 -14.38 -1.70
C TYR B 140 19.97 -13.74 -1.06
N LYS B 141 21.05 -13.61 -1.82
CA LYS B 141 22.13 -12.71 -1.48
C LYS B 141 22.25 -11.68 -2.60
N THR B 142 22.35 -10.41 -2.23
CA THR B 142 22.38 -9.35 -3.22
C THR B 142 23.54 -8.42 -2.94
N ARG B 143 24.05 -7.84 -4.01
CA ARG B 143 25.03 -6.76 -3.94
C ARG B 143 24.59 -5.67 -4.91
N ALA B 144 24.50 -4.43 -4.42
CA ALA B 144 23.97 -3.31 -5.19
C ALA B 144 24.91 -2.12 -5.10
N GLU B 145 25.18 -1.50 -6.24
CA GLU B 145 25.97 -0.27 -6.27
C GLU B 145 25.03 0.87 -6.60
N VAL B 146 24.88 1.80 -5.68
CA VAL B 146 23.96 2.93 -5.83
C VAL B 146 24.79 4.19 -5.91
N LYS B 147 24.64 4.95 -7.00
CA LYS B 147 25.46 6.14 -7.14
C LYS B 147 24.86 7.01 -8.23
N PHE B 148 25.34 8.24 -8.32
CA PHE B 148 24.92 9.10 -9.42
C PHE B 148 25.70 8.80 -10.70
N GLU B 149 25.00 8.83 -11.82
CA GLU B 149 25.60 8.72 -13.15
C GLU B 149 25.07 9.95 -13.87
N GLY B 150 25.88 11.00 -13.91
CA GLY B 150 25.38 12.30 -14.31
C GLY B 150 24.33 12.75 -13.32
N ASP B 151 23.19 13.16 -13.85
CA ASP B 151 22.06 13.62 -13.04
C ASP B 151 21.09 12.50 -12.65
N THR B 152 21.38 11.25 -13.03
CA THR B 152 20.54 10.10 -12.73
C THR B 152 21.09 9.31 -11.56
N LEU B 153 20.21 8.96 -10.64
CA LEU B 153 20.57 8.00 -9.58
C LEU B 153 20.42 6.61 -10.17
N VAL B 154 21.49 5.83 -10.16
CA VAL B 154 21.52 4.51 -10.80
C VAL B 154 21.79 3.45 -9.74
N ASN B 155 21.15 2.29 -9.89
CA ASN B 155 21.36 1.18 -8.98
C ASN B 155 21.60 -0.06 -9.83
N ARG B 156 22.79 -0.65 -9.69
CA ARG B 156 23.16 -1.86 -10.42
C ARG B 156 23.26 -2.99 -9.42
N ILE B 157 22.50 -4.06 -9.64
CA ILE B 157 22.28 -5.09 -8.65
C ILE B 157 22.65 -6.46 -9.21
N GLU B 158 23.30 -7.27 -8.39
CA GLU B 158 23.44 -8.70 -8.65
C GLU B 158 22.70 -9.48 -7.58
N LEU B 159 21.94 -10.50 -7.99
CA LEU B 159 21.20 -11.30 -7.04
C LEU B 159 21.47 -12.78 -7.26
N LYS B 160 21.76 -13.52 -6.18
CA LYS B 160 21.93 -14.96 -6.24
C LYS B 160 21.01 -15.59 -5.22
N GLY B 161 20.16 -16.51 -5.69
CA GLY B 161 19.25 -17.23 -4.82
C GLY B 161 19.55 -18.72 -4.85
N ILE B 162 19.59 -19.36 -3.68
CA ILE B 162 19.86 -20.80 -3.59
C ILE B 162 18.95 -21.45 -2.58
N ASP B 163 18.85 -22.79 -2.68
CA ASP B 163 18.15 -23.64 -1.73
C ASP B 163 16.64 -23.43 -1.71
N PHE B 164 16.05 -22.93 -2.78
CA PHE B 164 14.59 -22.78 -2.80
C PHE B 164 13.90 -24.11 -3.10
N LYS B 165 12.74 -24.30 -2.49
CA LYS B 165 11.96 -25.51 -2.68
C LYS B 165 11.14 -25.39 -3.95
N GLU B 166 11.29 -26.37 -4.84
CA GLU B 166 10.62 -26.30 -6.13
C GLU B 166 9.13 -26.05 -5.98
N ASP B 167 8.52 -26.60 -4.93
CA ASP B 167 7.10 -26.46 -4.65
C ASP B 167 6.80 -25.45 -3.52
N GLY B 168 7.76 -24.61 -3.15
CA GLY B 168 7.54 -23.67 -2.08
C GLY B 168 6.80 -22.43 -2.56
N ASN B 169 6.68 -21.44 -1.64
CA ASN B 169 5.90 -20.26 -1.97
C ASN B 169 6.57 -19.39 -3.03
N ILE B 170 7.91 -19.47 -3.16
CA ILE B 170 8.63 -18.63 -4.12
C ILE B 170 8.63 -19.28 -5.49
N LEU B 171 9.25 -20.45 -5.63
CA LEU B 171 9.30 -21.04 -6.97
C LEU B 171 7.95 -21.56 -7.40
N GLY B 172 7.05 -21.86 -6.46
CA GLY B 172 5.68 -22.21 -6.80
C GLY B 172 4.74 -21.05 -7.01
N HIS B 173 5.22 -19.80 -6.91
CA HIS B 173 4.42 -18.61 -7.22
C HIS B 173 3.10 -18.58 -6.44
N LYS B 174 3.22 -18.65 -5.11
CA LYS B 174 2.04 -18.61 -4.26
C LYS B 174 1.85 -17.28 -3.53
N LEU B 175 2.69 -16.30 -3.79
CA LEU B 175 2.57 -14.99 -3.16
C LEU B 175 1.50 -14.14 -3.83
N GLU B 176 0.70 -13.44 -3.04
CA GLU B 176 -0.19 -12.43 -3.61
C GLU B 176 0.62 -11.28 -4.18
N TYR B 177 0.05 -10.62 -5.19
CA TYR B 177 0.69 -9.43 -5.80
C TYR B 177 0.29 -8.21 -4.98
N ASN B 178 0.94 -8.04 -3.85
CA ASN B 178 0.64 -6.92 -2.97
C ASN B 178 1.78 -6.82 -1.96
N TYR B 179 1.63 -5.93 -0.99
CA TYR B 179 2.71 -5.68 -0.03
C TYR B 179 2.13 -5.05 1.22
N ASN B 180 2.82 -5.22 2.34
CA ASN B 180 2.39 -4.71 3.63
C ASN B 180 3.38 -3.66 4.11
N SER B 181 3.00 -2.93 5.19
CA SER B 181 3.86 -1.91 5.80
C SER B 181 4.88 -2.52 6.75
N HIS B 182 6.10 -1.99 6.74
CA HIS B 182 7.17 -2.53 7.59
C HIS B 182 8.08 -1.41 8.07
N ASN B 183 8.76 -1.66 9.18
CA ASN B 183 9.79 -0.76 9.68
C ASN B 183 11.16 -1.33 9.40
N VAL B 184 12.09 -0.47 8.99
CA VAL B 184 13.44 -0.85 8.60
C VAL B 184 14.40 -0.23 9.61
N TYR B 185 15.09 -1.07 10.40
CA TYR B 185 15.85 -0.61 11.57
C TYR B 185 17.30 -0.39 11.18
N ILE B 186 17.84 0.78 11.55
CA ILE B 186 19.18 1.16 11.11
C ILE B 186 20.06 1.47 12.32
N MET B 187 21.32 1.04 12.26
CA MET B 187 22.30 1.46 13.27
C MET B 187 23.64 1.70 12.58
N ALA B 188 24.50 2.48 13.24
CA ALA B 188 25.83 2.74 12.70
C ALA B 188 26.71 1.49 12.75
N ASP B 189 27.65 1.43 11.82
CA ASP B 189 28.70 0.41 11.72
C ASP B 189 29.99 1.20 11.56
N LYS B 190 30.47 1.76 12.68
CA LYS B 190 31.59 2.68 12.64
C LYS B 190 32.81 2.06 11.98
N GLN B 191 33.05 0.77 12.24
CA GLN B 191 34.28 0.14 11.76
C GLN B 191 34.35 0.12 10.24
N LYS B 192 33.22 -0.10 9.57
CA LYS B 192 33.18 -0.06 8.11
C LYS B 192 32.76 1.30 7.58
N ASN B 193 32.66 2.32 8.44
CA ASN B 193 32.22 3.65 8.04
C ASN B 193 30.86 3.60 7.35
N GLY B 194 29.99 2.69 7.79
CA GLY B 194 28.69 2.54 7.15
C GLY B 194 27.58 2.26 8.14
N ILE B 195 26.57 1.49 7.71
CA ILE B 195 25.42 1.17 8.53
C ILE B 195 25.12 -0.32 8.43
N LYS B 196 24.45 -0.84 9.46
CA LYS B 196 23.92 -2.18 9.50
C LYS B 196 22.41 -2.06 9.69
N VAL B 197 21.65 -2.81 8.87
CA VAL B 197 20.19 -2.64 8.76
C VAL B 197 19.51 -4.00 8.90
N ASN B 198 18.32 -4.02 9.51
CA ASN B 198 17.60 -5.29 9.59
C ASN B 198 16.11 -5.06 9.64
N PHE B 199 15.35 -6.04 9.15
CA PHE B 199 13.89 -5.98 9.13
C PHE B 199 13.33 -7.31 8.67
N LYS B 200 12.03 -7.50 8.91
CA LYS B 200 11.34 -8.74 8.60
C LYS B 200 10.13 -8.41 7.76
N ILE B 201 10.07 -9.00 6.57
CA ILE B 201 8.97 -8.76 5.65
C ILE B 201 7.94 -9.87 5.82
N ARG B 202 6.66 -9.48 5.78
CA ARG B 202 5.57 -10.46 5.74
C ARG B 202 4.94 -10.41 4.35
N HIS B 203 5.05 -11.51 3.60
CA HIS B 203 4.44 -11.63 2.27
C HIS B 203 3.14 -12.43 2.39
N ASN B 204 2.04 -11.85 1.93
CA ASN B 204 0.75 -12.54 1.96
C ASN B 204 0.76 -13.68 0.95
N ILE B 205 0.37 -14.88 1.39
CA ILE B 205 0.23 -16.05 0.54
C ILE B 205 -1.23 -16.24 0.19
N GLU B 206 -1.48 -16.81 -1.00
N GLU B 206 -1.48 -16.77 -1.03
CA GLU B 206 -2.83 -16.92 -1.56
CA GLU B 206 -2.84 -16.95 -1.53
C GLU B 206 -3.72 -17.91 -0.81
C GLU B 206 -3.74 -17.67 -0.52
N ASP B 207 -3.20 -18.66 0.17
CA ASP B 207 -4.03 -19.46 1.06
C ASP B 207 -4.30 -18.78 2.40
N GLY B 208 -3.90 -17.51 2.56
CA GLY B 208 -4.09 -16.79 3.79
C GLY B 208 -2.95 -16.91 4.80
N SER B 209 -1.97 -17.77 4.55
CA SER B 209 -0.80 -17.81 5.42
C SER B 209 0.11 -16.63 5.08
N VAL B 210 1.27 -16.56 5.72
CA VAL B 210 2.22 -15.49 5.51
C VAL B 210 3.59 -16.11 5.32
N GLN B 211 4.34 -15.60 4.34
CA GLN B 211 5.72 -16.00 4.14
C GLN B 211 6.65 -14.92 4.71
N LEU B 212 7.49 -15.30 5.68
CA LEU B 212 8.42 -14.37 6.30
C LEU B 212 9.71 -14.31 5.50
N ALA B 213 10.26 -13.11 5.34
CA ALA B 213 11.57 -12.93 4.72
C ALA B 213 12.41 -12.06 5.64
N ASP B 214 13.43 -12.66 6.25
CA ASP B 214 14.32 -11.99 7.20
C ASP B 214 15.46 -11.31 6.45
N HIS B 215 15.57 -9.98 6.56
CA HIS B 215 16.55 -9.20 5.81
C HIS B 215 17.68 -8.77 6.73
N TYR B 216 18.91 -8.97 6.28
CA TYR B 216 20.12 -8.48 6.95
C TYR B 216 20.91 -7.70 5.91
N GLN B 217 21.35 -6.50 6.29
CA GLN B 217 21.86 -5.57 5.29
C GLN B 217 23.04 -4.79 5.85
N GLN B 218 24.02 -4.54 5.00
CA GLN B 218 25.13 -3.65 5.31
C GLN B 218 25.37 -2.70 4.14
N ASN B 219 25.63 -1.42 4.45
CA ASN B 219 25.94 -0.40 3.44
C ASN B 219 27.31 0.20 3.74
N THR B 220 28.15 0.28 2.72
CA THR B 220 29.51 0.83 2.83
C THR B 220 29.69 1.93 1.79
N PRO B 221 30.15 3.11 2.17
CA PRO B 221 30.38 4.17 1.17
C PRO B 221 31.39 3.73 0.13
N ILE B 222 31.20 4.21 -1.09
CA ILE B 222 32.16 3.93 -2.17
C ILE B 222 33.35 4.85 -2.06
N GLY B 223 33.11 6.15 -1.78
CA GLY B 223 34.19 7.11 -1.60
C GLY B 223 34.87 6.99 -0.24
N ASP B 224 35.99 7.74 -0.11
CA ASP B 224 36.80 7.76 1.10
C ASP B 224 36.38 8.82 2.10
N GLY B 225 35.54 9.77 1.72
CA GLY B 225 35.26 10.90 2.54
C GLY B 225 34.49 10.55 3.80
N PRO B 226 34.16 11.56 4.59
CA PRO B 226 33.30 11.36 5.75
C PRO B 226 31.84 11.21 5.34
N VAL B 227 31.10 10.48 6.16
CA VAL B 227 29.66 10.31 5.96
C VAL B 227 28.98 10.56 7.30
N LEU B 228 27.68 10.76 7.26
CA LEU B 228 26.91 10.82 8.51
C LEU B 228 26.72 9.39 9.05
N LEU B 229 27.13 9.17 10.30
CA LEU B 229 26.92 7.86 10.94
C LEU B 229 25.77 7.99 11.93
N PRO B 230 24.66 7.30 11.74
CA PRO B 230 23.46 7.64 12.50
C PRO B 230 23.38 6.99 13.87
N ASP B 231 22.65 7.67 14.75
CA ASP B 231 22.08 7.00 15.92
C ASP B 231 20.99 6.03 15.47
N ASN B 232 20.64 5.11 16.37
CA ASN B 232 19.64 4.09 16.02
C ASN B 232 18.33 4.76 15.66
N HIS B 233 17.73 4.31 14.56
CA HIS B 233 16.44 4.85 14.15
C HIS B 233 15.83 3.84 13.18
N TYR B 234 14.71 4.21 12.55
CA TYR B 234 14.15 3.28 11.60
C TYR B 234 13.51 4.06 10.46
N LEU B 235 13.27 3.36 9.35
CA LEU B 235 12.51 3.88 8.23
C LEU B 235 11.16 3.17 8.19
N SER B 236 10.10 3.93 8.08
CA SER B 236 8.75 3.40 7.95
C SER B 236 8.41 3.33 6.46
N TYR B 237 8.15 2.11 5.97
CA TYR B 237 7.87 1.83 4.56
C TYR B 237 6.41 1.47 4.32
N GLN B 238 5.87 1.94 3.20
CA GLN B 238 4.60 1.53 2.64
C GLN B 238 4.84 1.37 1.15
N SER B 239 4.27 0.32 0.58
CA SER B 239 4.53 0.00 -0.82
C SER B 239 3.24 -0.44 -1.49
N ALA B 240 3.06 -0.06 -2.75
CA ALA B 240 1.90 -0.48 -3.51
C ALA B 240 2.38 -0.97 -4.86
N LEU B 241 1.88 -2.14 -5.29
CA LEU B 241 2.30 -2.80 -6.53
C LEU B 241 1.14 -2.75 -7.50
N SER B 242 1.43 -2.41 -8.76
CA SER B 242 0.35 -2.37 -9.75
C SER B 242 0.90 -2.79 -11.10
N LYS B 243 0.06 -2.65 -12.13
CA LYS B 243 0.40 -3.03 -13.48
C LYS B 243 0.10 -1.87 -14.43
N ASP B 244 0.87 -1.82 -15.51
CA ASP B 244 0.67 -0.89 -16.62
C ASP B 244 -0.20 -1.62 -17.64
N PRO B 245 -1.45 -1.20 -17.85
CA PRO B 245 -2.34 -2.00 -18.74
C PRO B 245 -1.86 -2.05 -20.19
N ASN B 246 -0.99 -1.13 -20.61
CA ASN B 246 -0.46 -1.14 -21.97
C ASN B 246 0.87 -1.85 -22.11
N GLU B 247 1.39 -2.45 -21.03
CA GLU B 247 2.69 -3.12 -21.05
C GLU B 247 2.50 -4.61 -21.30
N LYS B 248 3.09 -5.13 -22.38
CA LYS B 248 2.94 -6.54 -22.69
C LYS B 248 3.94 -7.44 -21.97
N ARG B 249 5.08 -6.90 -21.54
CA ARG B 249 6.07 -7.73 -20.88
C ARG B 249 5.75 -7.93 -19.38
N ASP B 250 6.34 -8.96 -18.80
CA ASP B 250 6.20 -9.20 -17.37
C ASP B 250 6.84 -8.02 -16.65
N HIS B 251 6.12 -7.43 -15.70
CA HIS B 251 6.56 -6.12 -15.21
C HIS B 251 5.90 -5.83 -13.86
N MET B 252 6.42 -4.81 -13.19
CA MET B 252 5.83 -4.38 -11.93
C MET B 252 5.97 -2.87 -11.84
N VAL B 253 4.87 -2.21 -11.49
CA VAL B 253 4.87 -0.80 -11.15
C VAL B 253 4.90 -0.76 -9.64
N LEU B 254 5.84 0.01 -9.09
CA LEU B 254 6.05 0.04 -7.64
C LEU B 254 6.00 1.47 -7.17
N LEU B 255 5.16 1.74 -6.20
N LEU B 255 5.18 1.74 -6.18
CA LEU B 255 5.21 3.01 -5.51
CA LEU B 255 5.16 3.04 -5.52
C LEU B 255 5.62 2.75 -4.07
C LEU B 255 5.51 2.83 -4.05
N GLU B 256 6.46 3.62 -3.54
CA GLU B 256 6.83 3.52 -2.13
C GLU B 256 6.79 4.90 -1.49
N PHE B 257 6.44 4.89 -0.20
CA PHE B 257 6.47 6.05 0.67
C PHE B 257 7.34 5.68 1.85
N VAL B 258 8.36 6.50 2.13
CA VAL B 258 9.38 6.13 3.11
C VAL B 258 9.67 7.34 3.99
N THR B 259 9.50 7.19 5.31
CA THR B 259 9.79 8.28 6.25
C THR B 259 10.64 7.79 7.42
N ALA B 260 11.68 8.56 7.77
CA ALA B 260 12.52 8.19 8.90
C ALA B 260 11.83 8.60 10.19
N ALA B 261 12.05 7.81 11.24
CA ALA B 261 11.40 8.00 12.54
C ALA B 261 12.26 7.36 13.62
N GLY B 262 11.81 7.50 14.88
CA GLY B 262 12.39 6.78 15.98
C GLY B 262 13.37 7.59 16.80
N ILE B 263 13.68 8.80 16.37
CA ILE B 263 14.42 9.76 17.17
C ILE B 263 13.48 10.94 17.37
N THR B 264 13.04 11.15 18.60
CA THR B 264 12.07 12.21 18.91
C THR B 264 12.79 13.54 19.14
N LEU B 265 11.99 14.62 19.11
CA LEU B 265 12.40 15.97 19.56
C LEU B 265 13.83 16.37 19.17
N LEU B 290 40.60 9.84 41.36
CA LEU B 290 40.58 11.22 41.81
C LEU B 290 40.92 11.27 43.29
N THR B 291 42.11 10.79 43.63
CA THR B 291 42.54 10.71 45.01
C THR B 291 42.82 12.10 45.58
N GLU B 292 43.12 12.15 46.87
CA GLU B 292 43.50 13.43 47.48
C GLU B 292 44.78 13.97 46.86
N GLU B 293 45.76 13.10 46.62
CA GLU B 293 47.00 13.51 45.99
C GLU B 293 46.76 14.00 44.57
N GLN B 294 46.01 13.21 43.78
CA GLN B 294 45.76 13.55 42.39
C GLN B 294 44.91 14.80 42.25
N ILE B 295 44.09 15.15 43.25
CA ILE B 295 43.33 16.39 43.20
C ILE B 295 44.26 17.58 43.44
N ALA B 296 45.10 17.50 44.49
CA ALA B 296 46.05 18.57 44.77
C ALA B 296 46.94 18.87 43.56
N GLU B 297 47.18 17.86 42.72
CA GLU B 297 48.11 18.06 41.62
C GLU B 297 47.49 18.87 40.49
N PHE B 298 46.22 18.61 40.15
CA PHE B 298 45.54 19.44 39.15
C PHE B 298 45.39 20.88 39.63
N LYS B 299 45.09 21.07 40.91
CA LYS B 299 44.97 22.43 41.44
C LYS B 299 46.29 23.17 41.30
N GLU B 300 47.39 22.52 41.66
CA GLU B 300 48.70 23.12 41.48
C GLU B 300 48.93 23.49 40.03
N ALA B 301 48.59 22.59 39.10
CA ALA B 301 48.82 22.89 37.68
C ALA B 301 47.92 24.03 37.22
N PHE B 302 46.68 24.05 37.69
CA PHE B 302 45.77 25.16 37.39
C PHE B 302 46.39 26.50 37.78
N SER B 303 47.03 26.55 38.94
CA SER B 303 47.57 27.81 39.43
C SER B 303 48.69 28.35 38.55
N LEU B 304 49.32 27.49 37.73
CA LEU B 304 50.38 28.00 36.86
C LEU B 304 49.82 28.85 35.73
N PHE B 305 48.59 28.54 35.31
CA PHE B 305 47.90 29.36 34.32
C PHE B 305 47.32 30.62 34.97
N ASP B 306 46.62 30.43 36.09
CA ASP B 306 45.92 31.49 36.82
C ASP B 306 46.95 32.32 37.58
N LYS B 307 47.64 33.20 36.83
CA LYS B 307 48.76 33.94 37.38
C LYS B 307 48.35 34.78 38.61
N ASP B 308 47.28 35.56 38.48
CA ASP B 308 46.85 36.45 39.56
C ASP B 308 45.93 35.76 40.56
N GLY B 309 45.80 34.44 40.51
CA GLY B 309 45.13 33.69 41.55
C GLY B 309 43.65 33.94 41.72
N ASP B 310 42.98 34.59 40.76
CA ASP B 310 41.57 34.92 40.92
C ASP B 310 40.63 33.76 40.55
N GLY B 311 41.13 32.52 40.53
CA GLY B 311 40.31 31.35 40.25
C GLY B 311 39.86 31.19 38.81
N THR B 312 40.29 32.06 37.89
CA THR B 312 39.89 32.00 36.49
C THR B 312 41.09 32.23 35.59
N ILE B 313 41.11 31.54 34.45
CA ILE B 313 42.15 31.71 33.44
C ILE B 313 41.60 32.53 32.30
N THR B 314 42.29 33.59 31.93
CA THR B 314 41.86 34.50 30.87
C THR B 314 42.68 34.29 29.60
N THR B 315 42.32 35.04 28.56
CA THR B 315 43.07 35.03 27.31
C THR B 315 44.50 35.49 27.49
N LYS B 316 44.73 36.52 28.32
CA LYS B 316 46.08 37.02 28.53
C LYS B 316 46.93 36.03 29.29
N GLU B 317 46.33 35.31 30.24
CA GLU B 317 47.11 34.35 31.02
C GLU B 317 47.46 33.12 30.18
N LEU B 318 46.47 32.56 29.49
CA LEU B 318 46.75 31.46 28.57
C LEU B 318 47.83 31.83 27.57
N GLY B 319 47.76 33.03 27.00
CA GLY B 319 48.77 33.45 26.04
C GLY B 319 50.15 33.59 26.67
N THR B 320 50.20 34.14 27.88
CA THR B 320 51.45 34.15 28.63
C THR B 320 52.04 32.75 28.73
N VAL B 321 51.22 31.75 29.06
CA VAL B 321 51.71 30.39 29.18
C VAL B 321 52.11 29.85 27.82
N MET B 322 51.26 30.07 26.79
CA MET B 322 51.56 29.59 25.44
C MET B 322 52.85 30.21 24.93
N ARG B 323 52.98 31.53 25.05
CA ARG B 323 54.19 32.20 24.55
C ARG B 323 55.43 31.68 25.26
N SER B 324 55.35 31.49 26.59
CA SER B 324 56.51 31.03 27.33
C SER B 324 56.88 29.60 26.97
N LEU B 325 55.91 28.81 26.50
CA LEU B 325 56.15 27.46 26.02
C LEU B 325 56.37 27.40 24.50
N GLY B 326 56.78 28.50 23.87
CA GLY B 326 57.23 28.48 22.50
C GLY B 326 56.17 28.80 21.46
N GLN B 327 54.90 28.60 21.76
CA GLN B 327 53.85 28.95 20.82
C GLN B 327 53.72 30.46 20.69
N ASN B 328 53.09 30.91 19.61
CA ASN B 328 52.84 32.34 19.45
C ASN B 328 51.42 32.64 18.99
N PRO B 329 50.39 31.95 19.50
CA PRO B 329 49.06 32.10 18.90
C PRO B 329 48.47 33.47 19.17
N THR B 330 47.86 34.06 18.14
CA THR B 330 47.34 35.42 18.23
C THR B 330 46.01 35.44 18.98
N GLU B 331 45.54 36.67 19.25
CA GLU B 331 44.36 36.86 20.10
C GLU B 331 43.16 36.07 19.60
N ALA B 332 43.00 35.95 18.28
CA ALA B 332 41.87 35.19 17.77
C ALA B 332 42.00 33.72 18.14
N GLU B 333 43.12 33.10 17.80
CA GLU B 333 43.34 31.69 18.14
C GLU B 333 43.22 31.47 19.66
N LEU B 334 43.78 32.39 20.45
CA LEU B 334 43.64 32.30 21.91
C LEU B 334 42.18 32.36 22.34
N GLN B 335 41.43 33.30 21.77
CA GLN B 335 39.99 33.36 22.08
C GLN B 335 39.31 32.03 21.80
N ASP B 336 39.68 31.39 20.68
CA ASP B 336 39.07 30.12 20.31
C ASP B 336 39.32 29.06 21.37
N MET B 337 40.55 29.00 21.92
CA MET B 337 40.88 27.96 22.88
C MET B 337 40.02 28.05 24.14
N ILE B 338 39.79 29.26 24.64
CA ILE B 338 38.97 29.42 25.84
C ILE B 338 37.53 28.98 25.58
N ASN B 339 36.92 29.50 24.50
CA ASN B 339 35.53 29.16 24.19
C ASN B 339 35.31 27.66 24.15
N GLU B 340 36.29 26.91 23.64
CA GLU B 340 36.15 25.45 23.54
C GLU B 340 36.03 24.78 24.90
N VAL B 341 36.68 25.32 25.92
CA VAL B 341 36.68 24.74 27.25
C VAL B 341 35.72 25.45 28.19
N ASP B 342 35.35 26.70 27.88
CA ASP B 342 34.46 27.52 28.68
C ASP B 342 33.06 26.93 28.76
N ALA B 343 32.80 26.11 29.78
CA ALA B 343 31.54 25.37 29.84
C ALA B 343 30.34 26.30 30.01
N ASP B 344 30.47 27.33 30.85
CA ASP B 344 29.36 28.24 31.11
C ASP B 344 29.41 29.51 30.27
N GLY B 345 30.28 29.56 29.26
CA GLY B 345 30.32 30.69 28.35
C GLY B 345 30.50 32.04 29.01
N ASN B 346 31.28 32.09 30.10
CA ASN B 346 31.54 33.34 30.82
C ASN B 346 32.83 34.01 30.40
N GLY B 347 33.59 33.44 29.47
CA GLY B 347 34.78 34.05 28.94
C GLY B 347 36.08 33.62 29.58
N THR B 348 36.04 32.81 30.65
CA THR B 348 37.25 32.36 31.31
C THR B 348 37.08 30.91 31.74
N ILE B 349 38.21 30.26 32.04
CA ILE B 349 38.22 28.89 32.56
C ILE B 349 38.36 28.95 34.07
N ASP B 350 37.41 28.37 34.79
CA ASP B 350 37.58 28.12 36.22
C ASP B 350 38.13 26.72 36.41
N PHE B 351 38.43 26.38 37.67
CA PHE B 351 39.00 25.06 37.94
C PHE B 351 38.10 23.91 37.49
N PRO B 352 36.79 23.91 37.74
CA PRO B 352 35.98 22.78 37.26
C PRO B 352 36.06 22.54 35.76
N GLU B 353 35.96 23.60 34.95
CA GLU B 353 36.13 23.45 33.51
C GLU B 353 37.57 23.08 33.15
N PHE B 354 38.52 23.30 34.05
CA PHE B 354 39.89 22.79 33.90
C PHE B 354 39.98 21.32 34.29
N LEU B 355 39.44 20.98 35.47
CA LEU B 355 39.46 19.61 35.96
C LEU B 355 38.71 18.64 35.06
N THR B 356 37.75 19.13 34.26
CA THR B 356 37.07 18.26 33.31
C THR B 356 37.76 18.21 31.96
N MET B 357 38.31 19.34 31.49
CA MET B 357 39.03 19.35 30.22
C MET B 357 40.24 18.43 30.22
N MET B 358 40.73 18.05 31.40
CA MET B 358 41.85 17.10 31.48
C MET B 358 41.36 15.67 31.68
N ASP B 366 44.73 9.71 22.96
CA ASP B 366 45.60 8.60 23.32
C ASP B 366 46.63 9.02 24.36
N SER B 367 46.69 8.27 25.47
CA SER B 367 47.57 8.65 26.57
C SER B 367 49.04 8.49 26.22
N GLU B 368 49.39 7.57 25.31
CA GLU B 368 50.77 7.46 24.86
C GLU B 368 51.21 8.73 24.13
N GLU B 369 50.36 9.22 23.22
CA GLU B 369 50.72 10.41 22.44
C GLU B 369 50.85 11.64 23.32
N GLU B 370 50.03 11.73 24.37
CA GLU B 370 50.09 12.86 25.29
C GLU B 370 51.41 12.88 26.04
N ILE B 371 51.84 11.73 26.55
CA ILE B 371 53.12 11.67 27.27
C ILE B 371 54.25 12.04 26.32
N ARG B 372 54.19 11.53 25.10
CA ARG B 372 55.21 11.82 24.12
C ARG B 372 55.27 13.31 23.79
N GLU B 373 54.09 13.93 23.63
CA GLU B 373 54.03 15.36 23.34
C GLU B 373 54.61 16.17 24.50
N ALA B 374 54.26 15.80 25.72
CA ALA B 374 54.79 16.47 26.91
C ALA B 374 56.32 16.34 27.00
N PHE B 375 56.85 15.13 26.76
CA PHE B 375 58.31 14.94 26.82
C PHE B 375 59.04 15.88 25.88
N ARG B 376 58.49 16.13 24.70
CA ARG B 376 59.14 17.02 23.74
C ARG B 376 59.14 18.47 24.20
N VAL B 377 58.20 18.85 25.05
CA VAL B 377 58.26 20.17 25.66
C VAL B 377 59.42 20.23 26.66
N PHE B 378 59.53 19.24 27.56
CA PHE B 378 60.61 19.23 28.55
C PHE B 378 61.97 19.11 27.90
N ASP B 379 62.10 18.29 26.85
CA ASP B 379 63.40 18.01 26.24
C ASP B 379 63.72 19.16 25.29
N LYS B 380 64.19 20.27 25.86
CA LYS B 380 64.19 21.52 25.11
C LYS B 380 65.10 21.47 23.90
N ASP B 381 66.26 20.80 23.99
CA ASP B 381 67.14 20.76 22.83
C ASP B 381 66.88 19.53 21.95
N GLY B 382 65.86 18.75 22.27
CA GLY B 382 65.42 17.64 21.43
C GLY B 382 66.37 16.46 21.31
N ASN B 383 67.33 16.29 22.22
CA ASN B 383 68.31 15.21 22.07
C ASN B 383 67.87 13.89 22.69
N GLY B 384 66.63 13.80 23.20
CA GLY B 384 66.15 12.56 23.80
C GLY B 384 66.32 12.44 25.31
N TYR B 385 66.87 13.46 25.98
CA TYR B 385 67.14 13.40 27.41
C TYR B 385 66.80 14.73 28.04
N ILE B 386 66.08 14.72 29.15
CA ILE B 386 65.83 15.93 29.91
C ILE B 386 67.00 16.14 30.86
N SER B 387 67.70 17.27 30.69
CA SER B 387 68.80 17.66 31.58
C SER B 387 68.26 18.49 32.75
N ALA B 388 69.10 18.66 33.79
CA ALA B 388 68.72 19.55 34.88
C ALA B 388 68.43 20.96 34.37
N ALA B 389 69.27 21.47 33.46
CA ALA B 389 69.04 22.81 32.95
C ALA B 389 67.72 22.90 32.20
N GLU B 390 67.37 21.88 31.43
CA GLU B 390 66.11 21.97 30.69
C GLU B 390 64.92 21.96 31.64
N LEU B 391 64.98 21.10 32.67
CA LEU B 391 63.88 21.07 33.63
C LEU B 391 63.74 22.41 34.34
N ARG B 392 64.86 22.99 34.73
CA ARG B 392 64.86 24.33 35.32
C ARG B 392 64.21 25.35 34.38
N HIS B 393 64.53 25.28 33.08
CA HIS B 393 63.99 26.24 32.13
C HIS B 393 62.50 26.02 31.91
N VAL B 394 62.07 24.76 31.84
CA VAL B 394 60.65 24.48 31.68
C VAL B 394 59.87 25.03 32.87
N MET B 395 60.38 24.82 34.09
CA MET B 395 59.69 25.33 35.28
C MET B 395 59.66 26.86 35.28
N THR B 396 60.75 27.51 34.85
CA THR B 396 60.73 28.96 34.69
C THR B 396 59.66 29.37 33.69
N ASN B 397 59.58 28.68 32.54
CA ASN B 397 58.53 28.99 31.56
C ASN B 397 57.14 28.91 32.18
N LEU B 398 56.95 27.99 33.13
CA LEU B 398 55.64 27.84 33.73
C LEU B 398 55.38 28.84 34.86
N GLY B 399 56.40 29.58 35.27
CA GLY B 399 56.26 30.57 36.31
C GLY B 399 56.82 30.19 37.67
N GLU B 400 57.40 29.01 37.80
CA GLU B 400 57.92 28.53 39.07
C GLU B 400 59.45 28.45 39.01
N LYS B 401 60.12 29.23 39.86
CA LYS B 401 61.59 29.25 39.95
C LYS B 401 62.04 28.24 41.02
N LEU B 402 62.63 27.12 40.60
CA LEU B 402 63.09 26.11 41.54
C LEU B 402 64.49 26.40 42.05
N THR B 403 64.79 25.91 43.27
CA THR B 403 66.17 25.97 43.75
C THR B 403 67.02 24.96 42.98
N ASP B 404 68.35 25.17 42.99
CA ASP B 404 69.27 24.18 42.43
C ASP B 404 69.05 22.81 43.05
N GLU B 405 68.90 22.76 44.37
CA GLU B 405 68.71 21.48 45.04
C GLU B 405 67.41 20.80 44.63
N GLU B 406 66.33 21.58 44.46
CA GLU B 406 65.04 21.00 44.05
C GLU B 406 65.15 20.39 42.65
N VAL B 407 65.80 21.10 41.73
CA VAL B 407 65.96 20.58 40.37
C VAL B 407 66.75 19.27 40.39
N ASP B 408 67.88 19.27 41.08
CA ASP B 408 68.73 18.07 41.14
C ASP B 408 67.99 16.90 41.77
N GLU B 409 67.19 17.16 42.81
CA GLU B 409 66.42 16.10 43.44
C GLU B 409 65.36 15.54 42.51
N MET B 410 64.69 16.42 41.75
CA MET B 410 63.71 15.94 40.77
C MET B 410 64.37 15.07 39.71
N ILE B 411 65.55 15.49 39.22
CA ILE B 411 66.25 14.68 38.23
C ILE B 411 66.66 13.34 38.83
N ARG B 412 67.29 13.39 40.01
CA ARG B 412 67.78 12.17 40.65
C ARG B 412 66.65 11.19 40.92
N GLU B 413 65.46 11.69 41.24
CA GLU B 413 64.37 10.77 41.51
C GLU B 413 63.91 10.05 40.23
N ALA B 414 63.91 10.76 39.10
CA ALA B 414 63.45 10.16 37.86
C ALA B 414 64.52 9.34 37.17
N ASP B 415 65.80 9.67 37.42
CA ASP B 415 66.94 9.07 36.74
C ASP B 415 67.19 7.68 37.31
N ILE B 416 66.94 6.65 36.54
CA ILE B 416 67.07 5.31 37.07
C ILE B 416 68.40 4.73 36.60
N ASP B 417 68.84 5.07 35.38
CA ASP B 417 70.08 4.47 34.89
C ASP B 417 71.31 5.27 35.25
N GLY B 418 71.17 6.42 35.93
CA GLY B 418 72.31 7.05 36.55
C GLY B 418 73.17 7.91 35.64
N ASP B 419 72.67 8.28 34.46
CA ASP B 419 73.40 9.21 33.61
C ASP B 419 73.11 10.68 33.95
N GLY B 420 72.31 10.94 34.99
CA GLY B 420 72.06 12.30 35.40
C GLY B 420 71.06 13.05 34.55
N GLN B 421 70.39 12.36 33.63
CA GLN B 421 69.34 12.96 32.80
C GLN B 421 68.16 12.00 32.70
N VAL B 422 67.05 12.48 32.19
CA VAL B 422 65.81 11.72 32.21
C VAL B 422 65.48 11.36 30.76
N ASN B 423 65.55 10.08 30.41
CA ASN B 423 65.21 9.71 29.02
C ASN B 423 63.70 9.48 28.93
N TYR B 424 63.21 9.13 27.74
CA TYR B 424 61.77 9.01 27.55
C TYR B 424 61.19 7.92 28.43
N GLU B 425 61.83 6.75 28.45
CA GLU B 425 61.34 5.66 29.29
C GLU B 425 61.33 6.04 30.76
N GLU B 426 62.34 6.77 31.25
CA GLU B 426 62.29 7.19 32.65
C GLU B 426 61.15 8.16 32.87
N PHE B 427 60.92 9.04 31.88
CA PHE B 427 59.83 10.00 31.95
C PHE B 427 58.49 9.27 32.02
N VAL B 428 58.31 8.26 31.18
CA VAL B 428 57.06 7.48 31.16
C VAL B 428 56.78 6.88 32.53
N GLN B 429 57.81 6.32 33.16
CA GLN B 429 57.63 5.71 34.48
C GLN B 429 57.22 6.73 35.51
N MET B 430 57.85 7.91 35.46
CA MET B 430 57.53 8.97 36.41
C MET B 430 56.07 9.36 36.29
N MET B 431 55.58 9.50 35.05
CA MET B 431 54.26 10.06 34.83
C MET B 431 53.15 9.04 35.03
N THR B 432 53.47 7.74 35.03
CA THR B 432 52.49 6.71 35.27
C THR B 432 52.73 5.96 36.59
N ALA B 433 53.52 6.54 37.49
CA ALA B 433 53.85 5.88 38.75
C ALA B 433 52.63 5.78 39.69
O1 TLA C . -65.85 -31.42 -38.97
O11 TLA C . -66.51 -32.95 -40.39
C1 TLA C . -65.58 -32.29 -39.85
C2 TLA C . -64.13 -32.54 -40.27
O2 TLA C . -64.00 -33.62 -41.16
C3 TLA C . -63.28 -32.84 -39.04
O3 TLA C . -63.75 -34.01 -38.43
C4 TLA C . -61.87 -33.05 -39.55
O4 TLA C . -61.22 -32.05 -39.99
O41 TLA C . -61.39 -34.22 -39.53
CA CA D . -44.64 -25.17 -44.14
CA CA E . -34.88 -20.95 -39.77
CA CA F . -69.06 -26.12 -16.63
CA CA G . -67.99 -18.17 -24.54
C1 EDO H . -25.91 10.67 3.14
O1 EDO H . -26.32 11.46 4.24
C2 EDO H . -25.26 9.40 3.70
O2 EDO H . -26.12 8.75 4.61
C1 EDO I . -24.62 5.61 10.82
O1 EDO I . -24.86 6.93 11.25
C2 EDO I . -25.84 5.13 10.03
O2 EDO I . -26.90 6.02 10.26
C1 GOL J . -54.07 -33.08 -37.88
O1 GOL J . -54.98 -33.07 -36.79
C2 GOL J . -53.17 -31.85 -37.86
O2 GOL J . -52.11 -32.06 -36.95
C3 GOL J . -52.59 -31.57 -39.24
O3 GOL J . -51.19 -31.37 -39.11
C1 GOL K . -7.14 -5.87 20.98
O1 GOL K . -6.09 -5.39 21.78
C2 GOL K . -6.74 -5.83 19.51
O2 GOL K . -5.32 -5.90 19.44
C3 GOL K . -7.32 -7.07 18.85
O3 GOL K . -7.19 -7.00 17.43
C1 GOL L . -16.23 -11.69 9.38
O1 GOL L . -16.93 -12.70 8.66
C2 GOL L . -15.80 -10.59 8.42
O2 GOL L . -15.47 -9.42 9.14
C3 GOL L . -14.54 -11.20 7.85
O3 GOL L . -14.44 -10.87 6.51
CA CA M . 43.47 34.78 36.43
CA CA N . 67.75 17.47 26.11
CA CA O . 33.92 29.60 32.91
CA CA P . 68.68 8.56 32.97
NA NA Q . 28.37 0.48 -10.18
NA NA R . 27.32 4.48 -13.63
C1 EDO S . 59.36 0.61 38.33
O1 EDO S . 58.68 1.15 37.22
C2 EDO S . 60.84 0.98 38.22
O2 EDO S . 60.96 2.37 38.39
C1 EDO T . 26.40 -5.09 -8.19
O1 EDO T . 27.22 -6.11 -7.66
C2 EDO T . 27.07 -4.43 -9.37
O2 EDO T . 27.03 -5.33 -10.43
C1 EDO U . 26.50 -11.33 -4.32
O1 EDO U . 27.03 -12.47 -3.73
C2 EDO U . 25.45 -11.77 -5.33
O2 EDO U . 26.07 -12.15 -6.53
C1 EDO V . 23.38 17.70 9.82
O1 EDO V . 24.66 17.70 9.23
C2 EDO V . 22.37 17.88 8.68
O2 EDO V . 23.08 17.82 7.49
C1 EDO W . 25.22 -8.20 5.01
O1 EDO W . 25.44 -8.45 6.38
C2 EDO W . 24.40 -9.36 4.44
O2 EDO W . 25.07 -9.84 3.31
C1 EDO X . 60.02 6.88 40.65
O1 EDO X . 61.37 6.51 40.56
C2 EDO X . 59.32 6.49 39.35
O2 EDO X . 60.31 6.50 38.35
C1 EDO Y . 60.16 10.96 22.45
O1 EDO Y . 60.18 11.73 21.28
C2 EDO Y . 60.35 9.49 22.10
O2 EDO Y . 59.15 8.98 21.60
C1 GOL Z . -8.63 -15.18 -1.71
O1 GOL Z . -9.41 -16.28 -2.10
C2 GOL Z . -7.16 -15.44 -2.00
O2 GOL Z . -7.01 -16.50 -2.91
C3 GOL Z . -6.55 -14.21 -2.65
O3 GOL Z . -5.22 -14.52 -2.99
C1 GOL AA . 6.85 -21.21 5.50
O1 GOL AA . 6.19 -21.84 4.44
C2 GOL AA . 6.39 -19.76 5.58
O2 GOL AA . 4.97 -19.74 5.71
C3 GOL AA . 7.07 -19.14 6.79
O3 GOL AA . 6.79 -17.75 6.92
#